data_8XVQ
#
_entry.id   8XVQ
#
_cell.length_a   70.240
_cell.length_b   99.920
_cell.length_c   153.030
_cell.angle_alpha   90.00
_cell.angle_beta   90.00
_cell.angle_gamma   90.00
#
_symmetry.space_group_name_H-M   'P 21 21 21'
#
loop_
_entity.id
_entity.type
_entity.pdbx_description
1 polymer Inulosucrase
2 non-polymer beta-D-fructofuranose
3 non-polymer 'CALCIUM ION'
4 water water
#
_entity_poly.entity_id   1
_entity_poly.type   'polypeptide(L)'
_entity_poly.pdbx_seq_one_letter_code
;MLERKEHKKMYKSGKNWAVVTLSTAALVFGATTVNASADTNIENNDSSTVQVTTGDNDIAVKSVTLGSGQVSAASDTTIR
TSANANSASSAANTQNSNSQVASSAAITSSTSSAASSNNTDSKAAQENTNTAKNDDTQKAAPANESSEAKNEPAVNVNDS
SAAKNDDQQSSKKNTTAKLNKDAENVVKKAGIDPNSLTDDQIKALNKMNFSKAAKSGTQMTYNDFQKIADTLIKQDGRYT
VPFFKASEIKNMPAATTKDAQTNTIEPLDVWDSWPVQDVRTGQVANWNGYQLVIAMMGIPNQNDNHIYLLYNKYGDNELS
HWKNVGPIFGYNSTAVSQEWSGSAVLNSDNSIQLFYTRVDTSDNNTNHQKIASATLYLTDNNGNVSLAQVANDHIVFEGD
GYYYQTYDQWKATNKGADNIAMRDAHVIEDDNGDRYLVFEASTGLENYQGEDQIYNWLNYGGDDAFNIKSLFRILSNDDI
KSRATWANAAIGILKLNKDEKNPKVAELYSPLISAPMVSDEIERPNVVKLGNKYYLFAATRLNRGSNDDAWMNANYAVGD
NVAMVGYVADSLTGSYKPLNDSGVVLTASVPANWRTATYSYYAVPVAGKDDQVLVTSYMTNRNGVAGKGMDSTWAPSFLL
QINPDNTTTVLAKMTNQGDWIWDDSSENLDMIGDLDSAALPGERDKPVDWDLIGYGLKPHDPATPNDPETPTTPETPETP
NTPKTPKTPENPGTPQTPNTPNTPEIPLTPETPKQPETQTNNRLPQTGNNANKAMIGLGMGTLLSMFGLAEINKRRFN
;
_entity_poly.pdbx_strand_id   A,B
#
# COMPACT_ATOMS: atom_id res chain seq x y z
N ALA A 177 19.45 12.14 -26.13
CA ALA A 177 18.73 13.43 -26.13
C ALA A 177 17.80 13.61 -27.35
N LYS A 178 17.88 12.73 -28.35
CA LYS A 178 17.11 12.89 -29.60
C LYS A 178 16.29 11.67 -29.99
N LEU A 179 14.98 11.87 -30.15
CA LEU A 179 14.03 10.81 -30.47
C LEU A 179 14.27 10.24 -31.87
N ASN A 180 14.13 8.93 -32.00
CA ASN A 180 14.07 8.32 -33.33
C ASN A 180 12.75 8.73 -33.96
N LYS A 181 12.58 8.47 -35.25
CA LYS A 181 11.44 9.03 -35.99
C LYS A 181 10.10 8.42 -35.58
N ASP A 182 10.08 7.11 -35.34
CA ASP A 182 8.89 6.43 -34.85
C ASP A 182 8.41 7.07 -33.56
N ALA A 183 9.34 7.21 -32.61
CA ALA A 183 9.08 7.81 -31.31
C ALA A 183 8.61 9.27 -31.42
N GLU A 184 9.26 10.05 -32.29
CA GLU A 184 8.82 11.43 -32.54
C GLU A 184 7.42 11.44 -33.17
N ASN A 185 7.11 10.46 -34.01
CA ASN A 185 5.77 10.37 -34.58
C ASN A 185 4.69 10.24 -33.51
N VAL A 186 4.84 9.25 -32.60
CA VAL A 186 3.82 9.03 -31.56
C VAL A 186 3.75 10.18 -30.57
N VAL A 187 4.92 10.74 -30.24
CA VAL A 187 4.96 11.91 -29.38
C VAL A 187 4.08 13.01 -29.99
N LYS A 188 4.26 13.24 -31.29
CA LYS A 188 3.51 14.29 -31.98
C LYS A 188 2.03 13.94 -32.20
N LYS A 189 1.74 12.70 -32.56
CA LYS A 189 0.35 12.23 -32.58
C LYS A 189 -0.32 12.45 -31.22
N ALA A 190 0.47 12.36 -30.15
CA ALA A 190 -0.02 12.57 -28.77
C ALA A 190 -0.25 14.04 -28.36
N GLY A 191 0.22 15.00 -29.16
CA GLY A 191 0.14 16.41 -28.81
C GLY A 191 1.16 16.84 -27.75
N ILE A 192 2.21 16.06 -27.58
CA ILE A 192 3.30 16.40 -26.65
C ILE A 192 4.41 17.10 -27.43
N ASP A 193 4.89 18.22 -26.89
CA ASP A 193 6.04 18.93 -27.46
C ASP A 193 7.32 18.14 -27.16
N PRO A 194 8.02 17.67 -28.19
CA PRO A 194 9.23 16.88 -27.98
C PRO A 194 10.26 17.56 -27.08
N ASN A 195 10.33 18.89 -27.13
CA ASN A 195 11.24 19.64 -26.26
C ASN A 195 10.93 19.54 -24.77
N SER A 196 9.70 19.17 -24.42
CA SER A 196 9.30 19.09 -23.01
C SER A 196 9.84 17.84 -22.30
N LEU A 197 10.25 16.84 -23.09
CA LEU A 197 10.66 15.55 -22.56
C LEU A 197 12.05 15.61 -21.94
N THR A 198 12.27 14.81 -20.91
CA THR A 198 13.58 14.65 -20.30
C THR A 198 14.43 13.66 -21.09
N ASP A 199 15.72 13.58 -20.78
CA ASP A 199 16.63 12.60 -21.39
C ASP A 199 16.18 11.16 -21.12
N ASP A 200 15.71 10.87 -19.90
CA ASP A 200 15.20 9.54 -19.55
C ASP A 200 13.91 9.16 -20.28
N GLN A 201 13.03 10.13 -20.51
CA GLN A 201 11.78 9.89 -21.25
C GLN A 201 12.04 9.59 -22.73
N ILE A 202 12.99 10.32 -23.31
CA ILE A 202 13.41 10.11 -24.68
C ILE A 202 14.02 8.71 -24.81
N LYS A 203 14.91 8.35 -23.88
CA LYS A 203 15.52 7.02 -23.86
C LYS A 203 14.48 5.90 -23.71
N ALA A 204 13.45 6.14 -22.92
CA ALA A 204 12.40 5.15 -22.77
C ALA A 204 11.70 5.00 -24.12
N LEU A 205 11.31 6.12 -24.72
CA LEU A 205 10.55 6.10 -25.97
C LEU A 205 11.36 5.47 -27.13
N ASN A 206 12.67 5.67 -27.14
CA ASN A 206 13.53 5.12 -28.20
C ASN A 206 13.66 3.59 -28.12
N LYS A 207 13.39 3.01 -26.96
CA LYS A 207 13.36 1.55 -26.82
C LYS A 207 12.04 0.94 -27.27
N MET A 208 11.02 1.76 -27.51
CA MET A 208 9.69 1.22 -27.74
C MET A 208 9.68 0.41 -29.03
N ASN A 209 9.16 -0.80 -28.93
CA ASN A 209 8.97 -1.66 -30.10
C ASN A 209 7.53 -1.48 -30.63
N PHE A 210 7.39 -1.00 -31.85
CA PHE A 210 6.07 -0.70 -32.44
C PHE A 210 5.42 -1.81 -33.27
N SER A 211 5.95 -3.03 -33.25
CA SER A 211 5.34 -4.11 -34.04
C SER A 211 3.94 -4.48 -33.53
N LYS A 212 3.01 -4.72 -34.44
CA LYS A 212 1.61 -4.94 -34.09
C LYS A 212 1.20 -6.41 -34.18
N ALA A 213 2.19 -7.32 -34.27
CA ALA A 213 1.91 -8.75 -34.42
C ALA A 213 1.59 -9.43 -33.07
N ALA A 214 0.44 -10.11 -33.02
CA ALA A 214 0.00 -10.81 -31.81
C ALA A 214 0.79 -12.11 -31.64
N LYS A 215 1.17 -12.41 -30.40
CA LYS A 215 2.05 -13.55 -30.08
C LYS A 215 1.36 -14.64 -29.24
N SER A 216 0.56 -14.24 -28.26
CA SER A 216 -0.12 -15.17 -27.35
C SER A 216 -1.63 -14.82 -27.25
N GLY A 217 -2.31 -14.95 -28.39
CA GLY A 217 -3.76 -14.65 -28.54
C GLY A 217 -4.18 -13.21 -28.32
N THR A 218 -5.43 -13.02 -27.91
CA THR A 218 -5.99 -11.73 -27.56
C THR A 218 -5.45 -11.30 -26.20
N GLN A 219 -5.03 -10.06 -26.09
CA GLN A 219 -4.43 -9.57 -24.87
C GLN A 219 -5.38 -8.71 -24.08
N MET A 220 -5.35 -8.85 -22.74
CA MET A 220 -5.87 -7.79 -21.89
C MET A 220 -4.79 -6.72 -21.83
N THR A 221 -5.05 -5.57 -22.45
CA THR A 221 -4.04 -4.52 -22.60
C THR A 221 -4.02 -3.66 -21.36
N TYR A 222 -2.99 -2.81 -21.24
CA TYR A 222 -2.90 -1.91 -20.10
C TYR A 222 -4.14 -1.01 -20.09
N ASN A 223 -4.59 -0.61 -21.28
CA ASN A 223 -5.82 0.20 -21.44
C ASN A 223 -7.12 -0.51 -21.02
N ASP A 224 -7.29 -1.77 -21.45
CA ASP A 224 -8.40 -2.61 -21.00
C ASP A 224 -8.49 -2.66 -19.47
N PHE A 225 -7.36 -2.92 -18.82
CA PHE A 225 -7.29 -3.12 -17.37
C PHE A 225 -7.70 -1.85 -16.68
N GLN A 226 -7.19 -0.73 -17.19
CA GLN A 226 -7.56 0.58 -16.69
C GLN A 226 -9.06 0.80 -16.82
N LYS A 227 -9.61 0.51 -17.99
CA LYS A 227 -11.07 0.62 -18.19
C LYS A 227 -11.91 -0.30 -17.26
N ILE A 228 -11.42 -1.51 -17.01
CA ILE A 228 -12.14 -2.43 -16.12
C ILE A 228 -12.20 -1.77 -14.74
N ALA A 229 -11.07 -1.23 -14.30
CA ALA A 229 -10.98 -0.57 -13.01
C ALA A 229 -11.87 0.66 -12.94
N ASP A 230 -11.83 1.49 -13.99
CA ASP A 230 -12.70 2.67 -14.05
C ASP A 230 -14.16 2.25 -13.97
N THR A 231 -14.51 1.17 -14.65
CA THR A 231 -15.89 0.70 -14.60
C THR A 231 -16.26 0.28 -13.18
N LEU A 232 -15.37 -0.45 -12.52
CA LEU A 232 -15.60 -0.85 -11.13
C LEU A 232 -15.80 0.39 -10.25
N ILE A 233 -14.96 1.41 -10.45
CA ILE A 233 -15.08 2.64 -9.68
C ILE A 233 -16.42 3.34 -9.92
N LYS A 234 -16.90 3.34 -11.17
CA LYS A 234 -18.19 3.95 -11.50
C LYS A 234 -19.38 3.24 -10.86
N GLN A 235 -19.22 1.96 -10.50
CA GLN A 235 -20.28 1.19 -9.86
C GLN A 235 -21.58 1.32 -10.66
N ASP A 236 -21.47 1.00 -11.94
CA ASP A 236 -22.58 1.00 -12.88
C ASP A 236 -23.39 -0.30 -12.76
N GLY A 237 -24.69 -0.16 -12.44
CA GLY A 237 -25.62 -1.27 -12.26
C GLY A 237 -25.64 -2.36 -13.33
N ARG A 238 -25.22 -2.02 -14.56
CA ARG A 238 -25.11 -3.03 -15.62
C ARG A 238 -24.06 -4.09 -15.33
N TYR A 239 -23.05 -3.73 -14.52
CA TYR A 239 -21.92 -4.62 -14.25
C TYR A 239 -21.71 -4.95 -12.78
N THR A 240 -22.25 -4.17 -11.85
CA THR A 240 -22.00 -4.42 -10.43
C THR A 240 -22.64 -5.72 -10.00
N VAL A 241 -21.89 -6.51 -9.23
CA VAL A 241 -22.45 -7.66 -8.54
C VAL A 241 -23.59 -7.09 -7.69
N PRO A 242 -24.76 -7.74 -7.73
CA PRO A 242 -25.88 -7.16 -7.02
C PRO A 242 -25.63 -7.11 -5.51
N PHE A 243 -26.26 -6.16 -4.83
CA PHE A 243 -26.27 -6.14 -3.36
C PHE A 243 -27.06 -7.34 -2.84
N PHE A 244 -26.49 -8.03 -1.85
CA PHE A 244 -27.13 -9.18 -1.19
C PHE A 244 -27.59 -8.75 0.21
N LYS A 245 -28.79 -9.15 0.61
CA LYS A 245 -29.32 -8.84 1.96
C LYS A 245 -28.53 -9.62 3.01
N ALA A 246 -27.68 -8.91 3.74
CA ALA A 246 -26.70 -9.53 4.61
C ALA A 246 -27.34 -10.35 5.72
N SER A 247 -28.53 -9.94 6.16
CA SER A 247 -29.27 -10.62 7.22
C SER A 247 -29.68 -12.03 6.82
N GLU A 248 -29.75 -12.31 5.53
CA GLU A 248 -30.19 -13.62 5.06
C GLU A 248 -29.07 -14.64 4.89
N ILE A 249 -27.82 -14.22 5.05
CA ILE A 249 -26.68 -15.04 4.72
C ILE A 249 -26.28 -15.94 5.87
N LYS A 250 -26.09 -17.23 5.60
CA LYS A 250 -25.64 -18.18 6.62
C LYS A 250 -24.59 -19.14 6.11
N ASN A 251 -23.88 -19.71 7.06
CA ASN A 251 -22.89 -20.71 6.76
C ASN A 251 -23.56 -21.92 6.14
N MET A 252 -22.80 -22.68 5.37
CA MET A 252 -23.33 -23.87 4.74
C MET A 252 -23.22 -25.03 5.74
N PRO A 253 -24.34 -25.64 6.10
CA PRO A 253 -24.28 -26.78 7.04
C PRO A 253 -23.34 -27.91 6.58
N ALA A 254 -23.37 -28.25 5.29
CA ALA A 254 -22.48 -29.27 4.75
C ALA A 254 -21.00 -28.89 4.84
N ALA A 255 -20.70 -27.63 5.12
CA ALA A 255 -19.32 -27.20 5.36
C ALA A 255 -18.87 -27.46 6.80
N THR A 256 -19.79 -27.82 7.69
CA THR A 256 -19.39 -28.41 8.99
C THR A 256 -19.28 -29.90 8.75
N THR A 257 -18.06 -30.43 8.83
CA THR A 257 -17.81 -31.78 8.36
C THR A 257 -16.45 -32.29 8.83
N LYS A 258 -16.22 -33.58 8.69
CA LYS A 258 -14.91 -34.15 9.01
C LYS A 258 -13.82 -33.61 8.05
N ASP A 259 -12.83 -32.95 8.64
CA ASP A 259 -11.76 -32.27 7.91
C ASP A 259 -10.73 -33.27 7.41
N ALA A 260 -10.35 -33.12 6.14
CA ALA A 260 -9.39 -33.98 5.46
C ALA A 260 -8.03 -34.13 6.16
N GLN A 261 -7.60 -33.11 6.89
CA GLN A 261 -6.28 -33.14 7.54
C GLN A 261 -6.34 -33.47 9.04
N THR A 262 -7.31 -32.91 9.77
CA THR A 262 -7.40 -33.19 11.22
C THR A 262 -8.24 -34.42 11.58
N ASN A 263 -9.07 -34.90 10.64
CA ASN A 263 -9.96 -36.05 10.87
C ASN A 263 -11.03 -35.80 11.93
N THR A 264 -11.28 -34.52 12.21
CA THR A 264 -12.22 -34.09 13.22
C THR A 264 -13.24 -33.19 12.54
N ILE A 265 -14.48 -33.23 13.02
CA ILE A 265 -15.57 -32.43 12.47
C ILE A 265 -15.41 -30.95 12.85
N GLU A 266 -15.34 -30.07 11.85
CA GLU A 266 -15.14 -28.63 12.10
C GLU A 266 -16.01 -27.78 11.17
N PRO A 267 -16.33 -26.56 11.60
CA PRO A 267 -16.94 -25.59 10.67
C PRO A 267 -15.87 -25.07 9.70
N LEU A 268 -15.95 -25.47 8.43
CA LEU A 268 -14.95 -25.08 7.44
C LEU A 268 -15.39 -23.90 6.57
N ASP A 269 -14.39 -23.14 6.12
CA ASP A 269 -14.55 -22.26 4.98
C ASP A 269 -14.84 -23.15 3.78
N VAL A 270 -15.83 -22.79 2.98
CA VAL A 270 -15.99 -23.36 1.64
C VAL A 270 -15.84 -22.23 0.60
N TRP A 271 -14.96 -22.41 -0.36
CA TRP A 271 -14.76 -21.38 -1.36
C TRP A 271 -14.98 -21.94 -2.78
N ASP A 272 -13.96 -21.91 -3.63
CA ASP A 272 -14.12 -22.31 -5.02
C ASP A 272 -14.88 -23.61 -5.19
N SER A 273 -15.93 -23.58 -6.01
CA SER A 273 -16.79 -24.73 -6.22
C SER A 273 -17.21 -24.81 -7.66
N TRP A 274 -17.53 -26.01 -8.08
CA TRP A 274 -17.99 -26.26 -9.44
C TRP A 274 -18.91 -27.47 -9.50
N PRO A 275 -19.89 -27.43 -10.40
CA PRO A 275 -20.86 -28.49 -10.43
C PRO A 275 -20.39 -29.54 -11.40
N VAL A 276 -20.90 -30.75 -11.24
CA VAL A 276 -20.71 -31.75 -12.26
C VAL A 276 -21.60 -31.32 -13.40
N GLN A 277 -20.99 -31.14 -14.57
CA GLN A 277 -21.61 -30.53 -15.72
C GLN A 277 -21.62 -31.48 -16.88
N ASP A 278 -22.53 -31.25 -17.81
CA ASP A 278 -22.50 -31.95 -19.09
C ASP A 278 -21.34 -31.40 -19.90
N VAL A 279 -20.50 -32.32 -20.38
CA VAL A 279 -19.24 -31.96 -21.03
C VAL A 279 -19.43 -31.11 -22.28
N ARG A 280 -20.56 -31.26 -22.97
CA ARG A 280 -20.83 -30.42 -24.15
C ARG A 280 -21.58 -29.13 -23.89
N THR A 281 -22.66 -29.20 -23.12
CA THR A 281 -23.56 -28.05 -22.97
C THR A 281 -23.25 -27.16 -21.79
N GLY A 282 -22.46 -27.67 -20.83
CA GLY A 282 -22.25 -27.03 -19.55
C GLY A 282 -23.39 -27.12 -18.51
N GLN A 283 -24.53 -27.71 -18.87
CA GLN A 283 -25.69 -27.75 -17.96
C GLN A 283 -25.32 -28.56 -16.71
N VAL A 284 -25.82 -28.15 -15.55
CA VAL A 284 -25.65 -28.92 -14.31
C VAL A 284 -26.23 -30.31 -14.52
N ALA A 285 -25.41 -31.35 -14.38
CA ALA A 285 -25.86 -32.70 -14.72
C ALA A 285 -26.88 -33.23 -13.72
N ASN A 286 -27.88 -33.96 -14.24
CA ASN A 286 -28.80 -34.74 -13.41
C ASN A 286 -28.24 -36.15 -13.30
N TRP A 287 -27.71 -36.49 -12.13
CA TRP A 287 -27.12 -37.82 -11.90
C TRP A 287 -28.04 -38.62 -10.97
N ASN A 288 -28.75 -39.59 -11.54
CA ASN A 288 -29.73 -40.40 -10.80
C ASN A 288 -30.65 -39.54 -9.92
N GLY A 289 -31.13 -38.42 -10.46
CA GLY A 289 -31.95 -37.50 -9.69
C GLY A 289 -31.21 -36.60 -8.71
N TYR A 290 -29.89 -36.62 -8.71
CA TYR A 290 -29.10 -35.70 -7.87
C TYR A 290 -28.35 -34.65 -8.70
N GLN A 291 -28.12 -33.51 -8.08
CA GLN A 291 -27.08 -32.58 -8.54
C GLN A 291 -25.83 -32.75 -7.66
N LEU A 292 -24.66 -32.65 -8.26
CA LEU A 292 -23.38 -32.86 -7.59
C LEU A 292 -22.45 -31.66 -7.79
N VAL A 293 -21.78 -31.27 -6.72
CA VAL A 293 -20.87 -30.14 -6.72
C VAL A 293 -19.59 -30.55 -5.99
N ILE A 294 -18.45 -30.12 -6.52
CA ILE A 294 -17.17 -30.33 -5.88
C ILE A 294 -16.62 -28.99 -5.44
N ALA A 295 -16.11 -28.96 -4.20
CA ALA A 295 -15.81 -27.71 -3.52
C ALA A 295 -14.54 -27.78 -2.72
N MET A 296 -13.77 -26.69 -2.75
CA MET A 296 -12.64 -26.52 -1.87
C MET A 296 -13.15 -26.15 -0.46
N MET A 297 -12.68 -26.90 0.54
CA MET A 297 -12.97 -26.55 1.92
C MET A 297 -11.73 -26.67 2.82
N GLY A 298 -11.75 -25.95 3.94
CA GLY A 298 -10.68 -26.05 4.93
C GLY A 298 -10.96 -25.24 6.17
N ILE A 299 -10.25 -25.54 7.24
CA ILE A 299 -10.39 -24.81 8.49
C ILE A 299 -9.85 -23.39 8.32
N PRO A 300 -10.66 -22.38 8.66
CA PRO A 300 -10.13 -21.01 8.61
C PRO A 300 -8.78 -20.85 9.31
N ASN A 301 -7.85 -20.14 8.65
CA ASN A 301 -6.51 -19.82 9.15
C ASN A 301 -5.51 -20.98 9.20
N GLN A 302 -5.87 -22.13 8.63
CA GLN A 302 -4.91 -23.21 8.45
C GLN A 302 -4.61 -23.36 6.97
N ASN A 303 -3.43 -23.89 6.64
CA ASN A 303 -3.20 -24.41 5.30
C ASN A 303 -3.85 -25.78 5.16
N ASP A 304 -5.00 -25.81 4.51
CA ASP A 304 -5.87 -26.96 4.51
C ASP A 304 -6.68 -26.91 3.23
N ASN A 305 -6.04 -27.26 2.11
CA ASN A 305 -6.64 -27.05 0.81
C ASN A 305 -6.95 -28.39 0.18
N HIS A 306 -8.21 -28.83 0.31
CA HIS A 306 -8.64 -30.10 -0.26
C HIS A 306 -10.05 -30.01 -0.80
N ILE A 307 -10.42 -30.97 -1.64
CA ILE A 307 -11.72 -30.91 -2.31
C ILE A 307 -12.65 -31.98 -1.77
N TYR A 308 -13.92 -31.62 -1.68
CA TYR A 308 -14.94 -32.47 -1.11
C TYR A 308 -16.07 -32.59 -2.13
N LEU A 309 -16.70 -33.75 -2.17
CA LEU A 309 -17.86 -33.95 -3.01
C LEU A 309 -19.16 -33.70 -2.25
N LEU A 310 -20.05 -32.90 -2.84
CA LEU A 310 -21.34 -32.54 -2.24
C LEU A 310 -22.48 -32.97 -3.15
N TYR A 311 -23.65 -33.22 -2.56
CA TYR A 311 -24.82 -33.60 -3.34
C TYR A 311 -26.11 -33.04 -2.77
N ASN A 312 -27.15 -33.07 -3.59
CA ASN A 312 -28.48 -32.62 -3.23
C ASN A 312 -29.44 -33.21 -4.24
N LYS A 313 -30.75 -33.20 -3.95
CA LYS A 313 -31.74 -33.62 -4.93
C LYS A 313 -31.73 -32.60 -6.06
N TYR A 314 -31.75 -33.09 -7.29
CA TYR A 314 -31.75 -32.21 -8.43
C TYR A 314 -32.94 -31.22 -8.39
N GLY A 315 -32.62 -29.93 -8.48
CA GLY A 315 -33.65 -28.88 -8.49
C GLY A 315 -33.92 -28.29 -7.12
N ASP A 316 -33.41 -28.91 -6.07
CA ASP A 316 -33.67 -28.47 -4.70
C ASP A 316 -32.96 -27.15 -4.46
N ASN A 317 -33.66 -26.21 -3.84
CA ASN A 317 -33.14 -24.86 -3.67
C ASN A 317 -32.66 -24.50 -2.28
N GLU A 318 -32.54 -25.48 -1.40
CA GLU A 318 -32.20 -25.17 -0.01
C GLU A 318 -30.73 -25.41 0.24
N LEU A 319 -30.02 -24.36 0.70
CA LEU A 319 -28.63 -24.49 1.04
C LEU A 319 -28.43 -25.63 2.03
N SER A 320 -29.28 -25.70 3.03
CA SER A 320 -29.12 -26.70 4.09
C SER A 320 -29.41 -28.14 3.65
N HIS A 321 -29.95 -28.36 2.45
CA HIS A 321 -30.18 -29.73 1.95
C HIS A 321 -28.97 -30.35 1.30
N TRP A 322 -27.95 -29.54 1.00
CA TRP A 322 -26.72 -30.09 0.47
C TRP A 322 -26.05 -30.99 1.51
N LYS A 323 -25.46 -32.10 1.05
CA LYS A 323 -24.78 -33.05 1.94
C LYS A 323 -23.35 -33.30 1.52
N ASN A 324 -22.47 -33.34 2.51
CA ASN A 324 -21.05 -33.54 2.24
C ASN A 324 -20.72 -35.02 2.29
N VAL A 325 -20.33 -35.57 1.15
CA VAL A 325 -19.88 -36.95 1.05
C VAL A 325 -18.54 -37.14 1.76
N GLY A 326 -17.70 -36.12 1.71
CA GLY A 326 -16.36 -36.20 2.28
C GLY A 326 -15.28 -35.78 1.29
N PRO A 327 -14.02 -35.73 1.75
CA PRO A 327 -12.90 -35.34 0.89
C PRO A 327 -12.63 -36.40 -0.15
N ILE A 328 -12.61 -36.01 -1.42
CA ILE A 328 -12.44 -36.96 -2.52
C ILE A 328 -11.16 -37.80 -2.39
N PHE A 329 -10.07 -37.19 -1.93
CA PHE A 329 -8.80 -37.92 -1.81
C PHE A 329 -8.52 -38.40 -0.38
N GLY A 330 -9.54 -38.34 0.47
CA GLY A 330 -9.54 -39.08 1.72
C GLY A 330 -9.11 -38.27 2.92
N TYR A 331 -9.20 -38.94 4.07
CA TYR A 331 -8.76 -38.39 5.33
C TYR A 331 -7.28 -38.69 5.47
N ASN A 332 -6.68 -38.25 6.57
CA ASN A 332 -5.22 -38.35 6.74
C ASN A 332 -4.43 -37.67 5.62
N SER A 333 -4.98 -36.58 5.09
CA SER A 333 -4.29 -35.79 4.08
C SER A 333 -3.42 -34.77 4.80
N THR A 334 -2.50 -34.14 4.07
CA THR A 334 -1.61 -33.12 4.63
C THR A 334 -1.42 -32.00 3.63
N ALA A 335 -0.79 -30.91 4.07
CA ALA A 335 -0.55 -29.74 3.22
C ALA A 335 0.55 -29.98 2.17
N VAL A 336 1.23 -31.11 2.27
CA VAL A 336 2.31 -31.47 1.36
C VAL A 336 1.76 -31.85 -0.02
N SER A 337 0.52 -32.32 -0.06
CA SER A 337 -0.15 -32.64 -1.34
C SER A 337 -1.58 -32.13 -1.25
N GLN A 338 -1.88 -31.08 -2.03
CA GLN A 338 -3.17 -30.38 -1.95
C GLN A 338 -3.97 -30.50 -3.24
N GLU A 339 -5.27 -30.26 -3.14
CA GLU A 339 -6.13 -30.19 -4.32
C GLU A 339 -6.72 -28.80 -4.44
N TRP A 340 -6.48 -28.14 -5.57
CA TRP A 340 -7.10 -26.86 -5.87
C TRP A 340 -8.12 -27.03 -7.00
N SER A 341 -8.66 -25.93 -7.54
CA SER A 341 -9.84 -26.02 -8.41
C SER A 341 -9.63 -26.64 -9.79
N GLY A 342 -10.75 -27.03 -10.36
CA GLY A 342 -10.82 -27.55 -11.73
C GLY A 342 -12.26 -27.63 -12.18
N SER A 343 -12.65 -28.80 -12.67
CA SER A 343 -13.99 -29.01 -13.23
C SER A 343 -14.41 -30.48 -13.15
N ALA A 344 -15.66 -30.77 -13.50
CA ALA A 344 -16.18 -32.15 -13.48
C ALA A 344 -17.39 -32.34 -14.38
N VAL A 345 -17.36 -33.45 -15.12
CA VAL A 345 -18.39 -33.82 -16.08
C VAL A 345 -18.75 -35.31 -15.97
N LEU A 346 -19.85 -35.71 -16.58
CA LEU A 346 -20.20 -37.12 -16.67
C LEU A 346 -19.46 -37.80 -17.82
N ASN A 347 -18.94 -39.00 -17.55
CA ASN A 347 -18.49 -39.91 -18.59
C ASN A 347 -19.71 -40.66 -19.18
N SER A 348 -19.48 -41.43 -20.25
CA SER A 348 -20.53 -42.20 -20.94
C SER A 348 -21.29 -43.21 -20.08
N ASP A 349 -20.58 -43.85 -19.15
CA ASP A 349 -21.18 -44.83 -18.24
C ASP A 349 -21.68 -44.19 -16.93
N ASN A 350 -21.84 -42.86 -16.91
CA ASN A 350 -22.34 -42.15 -15.73
C ASN A 350 -21.37 -42.15 -14.52
N SER A 351 -20.11 -42.53 -14.73
CA SER A 351 -19.06 -42.19 -13.77
C SER A 351 -18.70 -40.70 -14.00
N ILE A 352 -17.90 -40.13 -13.10
CA ILE A 352 -17.55 -38.70 -13.15
C ILE A 352 -16.07 -38.52 -13.45
N GLN A 353 -15.75 -37.73 -14.47
CA GLN A 353 -14.37 -37.38 -14.72
C GLN A 353 -14.07 -36.03 -14.06
N LEU A 354 -13.16 -36.07 -13.09
CA LEU A 354 -12.74 -34.92 -12.33
C LEU A 354 -11.47 -34.39 -12.93
N PHE A 355 -11.43 -33.08 -13.17
CA PHE A 355 -10.19 -32.36 -13.43
C PHE A 355 -9.96 -31.43 -12.26
N TYR A 356 -8.74 -31.39 -11.78
CA TYR A 356 -8.39 -30.60 -10.61
C TYR A 356 -6.91 -30.24 -10.68
N THR A 357 -6.49 -29.48 -9.68
CA THR A 357 -5.13 -29.05 -9.57
C THR A 357 -4.46 -29.78 -8.41
N ARG A 358 -3.46 -30.62 -8.74
CA ARG A 358 -2.60 -31.29 -7.77
C ARG A 358 -1.45 -30.34 -7.44
N VAL A 359 -1.33 -29.97 -6.16
CA VAL A 359 -0.30 -29.06 -5.67
C VAL A 359 0.65 -29.78 -4.70
N ASP A 360 1.91 -29.89 -5.10
CA ASP A 360 2.95 -30.53 -4.28
C ASP A 360 3.77 -29.44 -3.62
N THR A 361 3.82 -29.43 -2.29
CA THR A 361 4.55 -28.36 -1.59
C THR A 361 5.87 -28.81 -0.94
N SER A 362 6.40 -29.97 -1.35
CA SER A 362 7.62 -30.53 -0.75
C SER A 362 8.91 -29.80 -1.14
N ASP A 363 8.91 -29.07 -2.25
CA ASP A 363 10.09 -28.29 -2.63
C ASP A 363 10.03 -26.94 -1.91
N ASN A 364 10.45 -26.93 -0.65
CA ASN A 364 10.50 -25.70 0.14
C ASN A 364 9.18 -24.97 0.26
N ASN A 365 8.08 -25.73 0.36
CA ASN A 365 6.74 -25.17 0.55
C ASN A 365 6.17 -24.37 -0.65
N THR A 366 6.76 -24.51 -1.83
CA THR A 366 6.24 -23.81 -3.02
C THR A 366 4.95 -24.48 -3.48
N ASN A 367 4.06 -23.69 -4.06
CA ASN A 367 2.83 -24.22 -4.64
C ASN A 367 3.06 -24.74 -6.06
N HIS A 368 3.77 -25.87 -6.14
CA HIS A 368 4.04 -26.55 -7.40
C HIS A 368 2.74 -27.14 -7.89
N GLN A 369 2.11 -26.44 -8.85
CA GLN A 369 0.78 -26.80 -9.37
C GLN A 369 0.81 -27.62 -10.65
N LYS A 370 -0.14 -28.52 -10.77
CA LYS A 370 -0.23 -29.45 -11.90
C LYS A 370 -1.67 -29.75 -12.22
N ILE A 371 -2.00 -29.78 -13.50
CA ILE A 371 -3.37 -30.17 -13.87
C ILE A 371 -3.42 -31.68 -13.83
N ALA A 372 -4.34 -32.22 -13.04
CA ALA A 372 -4.51 -33.65 -12.86
C ALA A 372 -5.96 -34.07 -13.10
N SER A 373 -6.14 -35.37 -13.31
CA SER A 373 -7.47 -35.94 -13.56
C SER A 373 -7.63 -37.28 -12.84
N ALA A 374 -8.87 -37.58 -12.45
CA ALA A 374 -9.22 -38.90 -11.92
C ALA A 374 -10.69 -39.16 -12.16
N THR A 375 -11.04 -40.44 -12.19
CA THR A 375 -12.41 -40.87 -12.39
C THR A 375 -13.04 -41.20 -11.05
N LEU A 376 -14.24 -40.66 -10.82
CA LEU A 376 -14.98 -40.92 -9.60
C LEU A 376 -16.12 -41.89 -9.94
N TYR A 377 -16.20 -42.99 -9.20
CA TYR A 377 -17.34 -43.91 -9.25
C TYR A 377 -18.13 -43.73 -7.98
N LEU A 378 -19.39 -43.38 -8.14
CA LEU A 378 -20.28 -43.13 -7.02
C LEU A 378 -21.31 -44.24 -6.94
N THR A 379 -22.02 -44.29 -5.81
CA THR A 379 -23.17 -45.15 -5.67
C THR A 379 -24.29 -44.44 -4.94
N ASP A 380 -25.49 -44.85 -5.30
CA ASP A 380 -26.73 -44.25 -4.89
C ASP A 380 -27.46 -45.27 -4.02
N ASN A 381 -27.51 -45.02 -2.71
CA ASN A 381 -28.19 -45.96 -1.81
C ASN A 381 -29.12 -45.26 -0.84
N ASN A 382 -30.42 -45.33 -1.14
CA ASN A 382 -31.47 -44.81 -0.28
C ASN A 382 -31.23 -43.34 0.08
N GLY A 383 -31.22 -42.50 -0.95
CA GLY A 383 -31.11 -41.05 -0.76
C GLY A 383 -29.71 -40.54 -0.48
N ASN A 384 -28.73 -41.43 -0.34
CA ASN A 384 -27.35 -41.03 -0.07
C ASN A 384 -26.44 -41.39 -1.22
N VAL A 385 -25.53 -40.46 -1.53
CA VAL A 385 -24.51 -40.70 -2.51
C VAL A 385 -23.22 -40.97 -1.77
N SER A 386 -22.51 -42.02 -2.19
CA SER A 386 -21.22 -42.36 -1.63
C SER A 386 -20.18 -42.34 -2.70
N LEU A 387 -18.95 -42.08 -2.29
CA LEU A 387 -17.81 -42.21 -3.18
C LEU A 387 -17.24 -43.63 -3.07
N ALA A 388 -17.45 -44.44 -4.12
CA ALA A 388 -17.01 -45.83 -4.12
C ALA A 388 -15.52 -45.94 -4.43
N GLN A 389 -15.06 -45.20 -5.44
CA GLN A 389 -13.70 -45.34 -5.91
C GLN A 389 -13.18 -44.11 -6.67
N VAL A 390 -11.91 -43.82 -6.44
CA VAL A 390 -11.15 -42.87 -7.22
C VAL A 390 -10.13 -43.67 -8.01
N ALA A 391 -10.24 -43.61 -9.34
CA ALA A 391 -9.39 -44.36 -10.26
C ALA A 391 -8.66 -43.43 -11.21
N ASN A 392 -7.56 -43.94 -11.77
CA ASN A 392 -6.82 -43.31 -12.86
C ASN A 392 -6.27 -41.92 -12.50
N ASP A 393 -5.93 -41.70 -11.23
CA ASP A 393 -5.43 -40.39 -10.83
C ASP A 393 -4.05 -40.16 -11.43
N HIS A 394 -3.92 -39.08 -12.19
CA HIS A 394 -2.64 -38.80 -12.84
C HIS A 394 -2.52 -37.34 -13.25
N ILE A 395 -1.29 -36.96 -13.54
CA ILE A 395 -0.98 -35.63 -14.02
C ILE A 395 -1.24 -35.56 -15.54
N VAL A 396 -2.03 -34.58 -15.94
CA VAL A 396 -2.33 -34.34 -17.34
C VAL A 396 -1.31 -33.38 -17.96
N PHE A 397 -1.07 -32.26 -17.27
CA PHE A 397 -0.18 -31.24 -17.83
C PHE A 397 0.32 -30.32 -16.73
N GLU A 398 1.57 -29.89 -16.84
CA GLU A 398 2.08 -28.86 -15.93
C GLU A 398 2.94 -27.79 -16.60
N GLY A 399 2.74 -27.60 -17.90
CA GLY A 399 3.44 -26.54 -18.63
C GLY A 399 4.49 -27.12 -19.55
N ASP A 400 4.74 -26.43 -20.66
CA ASP A 400 5.71 -26.89 -21.66
C ASP A 400 6.96 -25.99 -21.79
N GLY A 401 6.88 -24.72 -21.37
CA GLY A 401 8.03 -23.80 -21.40
C GLY A 401 8.01 -22.82 -22.57
N TYR A 402 7.33 -23.20 -23.65
CA TYR A 402 7.14 -22.30 -24.79
C TYR A 402 5.78 -21.57 -24.69
N TYR A 403 4.68 -22.30 -24.73
CA TYR A 403 3.33 -21.70 -24.58
C TYR A 403 3.05 -21.31 -23.15
N TYR A 404 3.38 -22.20 -22.22
CA TYR A 404 3.05 -22.03 -20.81
C TYR A 404 4.28 -22.16 -19.94
N GLN A 405 4.35 -21.34 -18.89
CA GLN A 405 5.47 -21.35 -17.95
C GLN A 405 5.50 -22.64 -17.13
N THR A 406 6.70 -23.18 -16.96
CA THR A 406 6.90 -24.40 -16.20
C THR A 406 7.27 -24.04 -14.80
N TYR A 407 7.13 -25.02 -13.91
CA TYR A 407 7.60 -24.86 -12.54
C TYR A 407 9.08 -24.47 -12.51
N ASP A 408 9.90 -25.22 -13.24
CA ASP A 408 11.36 -24.98 -13.27
C ASP A 408 11.70 -23.59 -13.78
N GLN A 409 10.95 -23.08 -14.74
CA GLN A 409 11.19 -21.71 -15.21
C GLN A 409 10.91 -20.70 -14.09
N TRP A 410 9.77 -20.86 -13.42
CA TRP A 410 9.40 -19.97 -12.32
C TRP A 410 10.44 -20.02 -11.18
N LYS A 411 10.85 -21.25 -10.81
CA LYS A 411 11.78 -21.45 -9.70
C LYS A 411 13.13 -20.82 -9.99
N ALA A 412 13.56 -20.91 -11.24
CA ALA A 412 14.86 -20.37 -11.64
C ALA A 412 15.03 -18.87 -11.40
N THR A 413 13.99 -18.08 -11.64
CA THR A 413 14.10 -16.62 -11.52
C THR A 413 13.31 -16.00 -10.37
N ASN A 414 12.51 -16.77 -9.64
CA ASN A 414 11.67 -16.16 -8.63
C ASN A 414 12.43 -15.66 -7.41
N LYS A 415 12.35 -14.36 -7.14
CA LYS A 415 12.83 -13.78 -5.88
C LYS A 415 11.67 -13.27 -5.03
N GLY A 416 10.45 -13.65 -5.40
CA GLY A 416 9.23 -13.31 -4.64
C GLY A 416 8.24 -12.42 -5.36
N ALA A 417 8.57 -11.99 -6.58
CA ALA A 417 7.72 -11.08 -7.33
C ALA A 417 6.91 -11.79 -8.41
N ASP A 418 7.16 -13.08 -8.62
CA ASP A 418 6.55 -13.78 -9.73
C ASP A 418 5.55 -14.79 -9.22
N ASN A 419 4.36 -14.75 -9.83
CA ASN A 419 3.31 -15.69 -9.53
C ASN A 419 3.59 -16.99 -10.26
N ILE A 420 3.00 -18.06 -9.75
CA ILE A 420 3.10 -19.37 -10.37
C ILE A 420 1.68 -19.92 -10.47
N ALA A 421 1.30 -20.37 -11.66
CA ALA A 421 -0.09 -20.78 -11.90
C ALA A 421 -0.13 -21.86 -12.95
N MET A 422 -0.80 -22.96 -12.60
CA MET A 422 -1.02 -24.08 -13.50
C MET A 422 -2.19 -24.84 -12.93
N ARG A 423 -3.38 -24.31 -13.18
CA ARG A 423 -4.53 -24.72 -12.38
C ARG A 423 -5.85 -24.40 -13.05
N ASP A 424 -6.93 -24.70 -12.34
CA ASP A 424 -8.28 -24.28 -12.67
C ASP A 424 -8.66 -24.77 -14.06
N ALA A 425 -8.45 -26.06 -14.32
CA ALA A 425 -8.68 -26.61 -15.64
C ALA A 425 -10.17 -26.82 -15.83
N HIS A 426 -10.68 -26.27 -16.94
CA HIS A 426 -12.07 -26.41 -17.32
C HIS A 426 -12.20 -27.26 -18.56
N VAL A 427 -12.87 -28.40 -18.42
CA VAL A 427 -13.03 -29.33 -19.54
C VAL A 427 -14.28 -28.99 -20.35
N ILE A 428 -14.13 -29.05 -21.67
CA ILE A 428 -15.24 -28.80 -22.57
C ILE A 428 -15.00 -29.57 -23.86
N GLU A 429 -16.06 -30.13 -24.41
CA GLU A 429 -15.99 -30.85 -25.67
C GLU A 429 -16.85 -30.11 -26.68
N ASP A 430 -16.34 -29.98 -27.90
CA ASP A 430 -17.10 -29.34 -28.98
C ASP A 430 -17.78 -30.38 -29.86
N ASP A 431 -18.40 -29.90 -30.94
CA ASP A 431 -19.25 -30.74 -31.81
C ASP A 431 -18.46 -31.61 -32.77
N ASN A 432 -17.14 -31.42 -32.79
CA ASN A 432 -16.26 -32.28 -33.56
C ASN A 432 -15.72 -33.43 -32.74
N GLY A 433 -16.25 -33.63 -31.54
CA GLY A 433 -15.78 -34.71 -30.67
C GLY A 433 -14.42 -34.45 -30.01
N ASP A 434 -13.89 -33.25 -30.16
CA ASP A 434 -12.63 -32.88 -29.51
C ASP A 434 -12.88 -32.34 -28.09
N ARG A 435 -12.26 -32.98 -27.11
CA ARG A 435 -12.28 -32.51 -25.73
C ARG A 435 -11.06 -31.65 -25.42
N TYR A 436 -11.27 -30.49 -24.78
CA TYR A 436 -10.21 -29.52 -24.46
C TYR A 436 -10.17 -29.17 -22.98
N LEU A 437 -9.00 -28.73 -22.49
CA LEU A 437 -8.93 -28.04 -21.20
C LEU A 437 -8.59 -26.59 -21.41
N VAL A 438 -9.36 -25.73 -20.74
CA VAL A 438 -9.11 -24.31 -20.69
C VAL A 438 -8.67 -24.08 -19.25
N PHE A 439 -7.50 -23.50 -19.05
CA PHE A 439 -6.86 -23.47 -17.75
C PHE A 439 -6.12 -22.17 -17.48
N GLU A 440 -5.83 -21.94 -16.21
CA GLU A 440 -5.05 -20.80 -15.75
C GLU A 440 -3.55 -21.11 -15.76
N ALA A 441 -2.76 -20.23 -16.37
CA ALA A 441 -1.31 -20.39 -16.47
C ALA A 441 -0.63 -19.03 -16.64
N SER A 442 0.69 -19.05 -16.86
CA SER A 442 1.41 -17.86 -17.33
C SER A 442 1.99 -18.19 -18.69
N THR A 443 2.24 -17.17 -19.51
CA THR A 443 2.90 -17.42 -20.81
C THR A 443 4.33 -18.01 -20.59
N GLY A 444 4.77 -18.78 -21.57
CA GLY A 444 6.15 -19.20 -21.66
C GLY A 444 6.95 -18.34 -22.63
N LEU A 445 8.00 -18.94 -23.16
CA LEU A 445 8.97 -18.22 -23.96
C LEU A 445 8.42 -17.78 -25.32
N GLU A 446 7.20 -18.19 -25.65
CA GLU A 446 6.49 -17.66 -26.82
C GLU A 446 6.29 -16.14 -26.72
N ASN A 447 5.93 -15.68 -25.53
CA ASN A 447 5.87 -14.26 -25.25
C ASN A 447 6.04 -14.08 -23.75
N TYR A 448 7.30 -14.15 -23.31
CA TYR A 448 7.58 -14.30 -21.88
C TYR A 448 7.56 -12.98 -21.13
N GLN A 449 7.28 -13.09 -19.83
CA GLN A 449 7.44 -11.96 -18.93
C GLN A 449 8.86 -11.39 -19.01
N GLY A 450 9.00 -10.11 -18.70
CA GLY A 450 10.30 -9.49 -18.56
C GLY A 450 10.18 -7.98 -18.68
N GLU A 451 11.24 -7.27 -18.27
CA GLU A 451 11.30 -5.80 -18.37
C GLU A 451 11.09 -5.29 -19.79
N ASP A 452 11.57 -6.07 -20.75
CA ASP A 452 11.33 -5.77 -22.18
C ASP A 452 9.86 -5.52 -22.53
N GLN A 453 8.94 -6.16 -21.81
CA GLN A 453 7.50 -6.02 -22.12
C GLN A 453 6.98 -4.58 -21.92
N ILE A 454 7.61 -3.83 -21.02
CA ILE A 454 7.30 -2.43 -20.82
C ILE A 454 7.54 -1.65 -22.12
N TYR A 455 8.41 -2.18 -22.99
CA TYR A 455 8.71 -1.52 -24.26
C TYR A 455 8.08 -2.20 -25.48
N ASN A 456 6.96 -2.90 -25.29
CA ASN A 456 6.17 -3.39 -26.42
C ASN A 456 4.85 -2.65 -26.49
N TRP A 457 4.72 -1.84 -27.53
CA TRP A 457 3.60 -0.92 -27.72
C TRP A 457 2.26 -1.65 -27.73
N LEU A 458 2.28 -2.88 -28.23
CA LEU A 458 1.10 -3.75 -28.29
C LEU A 458 0.45 -3.97 -26.92
N ASN A 459 1.26 -3.95 -25.85
CA ASN A 459 0.73 -4.21 -24.52
C ASN A 459 -0.13 -3.08 -23.96
N TYR A 460 0.04 -1.88 -24.50
CA TYR A 460 -0.59 -0.69 -23.93
C TYR A 460 -2.04 -0.56 -24.39
N GLY A 461 -2.25 -0.58 -25.69
CA GLY A 461 -3.59 -0.70 -26.26
C GLY A 461 -4.49 0.53 -26.21
N GLY A 462 -3.93 1.69 -25.87
CA GLY A 462 -4.69 2.93 -25.82
C GLY A 462 -4.33 3.80 -27.02
N ASP A 463 -4.79 5.05 -26.99
CA ASP A 463 -4.29 6.02 -27.95
C ASP A 463 -2.87 6.44 -27.57
N ASP A 464 -2.23 7.20 -28.45
CA ASP A 464 -0.83 7.57 -28.27
C ASP A 464 -0.56 8.29 -26.97
N ALA A 465 -1.41 9.25 -26.62
CA ALA A 465 -1.22 9.96 -25.34
C ALA A 465 -1.31 9.00 -24.15
N PHE A 466 -2.29 8.09 -24.20
CA PHE A 466 -2.47 7.15 -23.11
C PHE A 466 -1.26 6.26 -22.98
N ASN A 467 -0.77 5.78 -24.12
CA ASN A 467 0.33 4.84 -24.11
C ASN A 467 1.57 5.53 -23.54
N ILE A 468 1.86 6.75 -24.00
CA ILE A 468 3.04 7.46 -23.53
C ILE A 468 2.92 7.77 -22.03
N LYS A 469 1.80 8.35 -21.64
CA LYS A 469 1.52 8.60 -20.21
C LYS A 469 1.72 7.33 -19.38
N SER A 470 1.22 6.22 -19.89
CA SER A 470 1.33 4.96 -19.20
C SER A 470 2.78 4.51 -19.07
N LEU A 471 3.56 4.62 -20.15
CA LEU A 471 4.97 4.21 -20.11
C LEU A 471 5.74 4.97 -19.03
N PHE A 472 5.57 6.28 -18.99
CA PHE A 472 6.29 7.08 -18.01
C PHE A 472 5.84 6.74 -16.60
N ARG A 473 4.56 6.43 -16.42
CA ARG A 473 4.06 6.11 -15.09
C ARG A 473 4.71 4.84 -14.59
N ILE A 474 4.71 3.83 -15.44
CA ILE A 474 5.34 2.53 -15.10
C ILE A 474 6.83 2.71 -14.67
N LEU A 475 7.60 3.47 -15.45
CA LEU A 475 9.00 3.71 -15.15
C LEU A 475 9.23 4.66 -13.96
N SER A 476 8.22 5.40 -13.54
CA SER A 476 8.34 6.34 -12.39
C SER A 476 8.22 5.70 -11.01
N ASN A 477 7.80 4.43 -10.94
CA ASN A 477 7.46 3.77 -9.66
C ASN A 477 8.00 2.34 -9.69
N ASP A 478 8.86 2.00 -8.73
CA ASP A 478 9.53 0.69 -8.71
C ASP A 478 8.57 -0.49 -8.63
N ASP A 479 7.46 -0.29 -7.92
CA ASP A 479 6.50 -1.38 -7.76
C ASP A 479 5.71 -1.61 -9.03
N ILE A 480 5.33 -0.54 -9.72
CA ILE A 480 4.63 -0.69 -11.00
C ILE A 480 5.56 -1.30 -12.05
N LYS A 481 6.79 -0.77 -12.12
CA LYS A 481 7.83 -1.33 -12.99
C LYS A 481 8.08 -2.82 -12.73
N SER A 482 8.25 -3.17 -11.45
CA SER A 482 8.41 -4.57 -11.07
C SER A 482 7.19 -5.44 -11.48
N ARG A 483 5.98 -5.03 -11.16
CA ARG A 483 4.78 -5.80 -11.55
C ARG A 483 4.70 -5.97 -13.04
N ALA A 484 4.96 -4.89 -13.78
CA ALA A 484 4.96 -4.95 -15.24
C ALA A 484 6.00 -5.93 -15.82
N THR A 485 7.15 -5.95 -15.17
CA THR A 485 8.27 -6.84 -15.50
C THR A 485 7.92 -8.30 -15.29
N TRP A 486 7.12 -8.59 -14.27
CA TRP A 486 6.75 -9.96 -13.95
C TRP A 486 5.34 -10.42 -14.43
N ALA A 487 4.53 -9.51 -14.99
CA ALA A 487 3.14 -9.87 -15.38
C ALA A 487 3.08 -10.63 -16.71
N ASN A 488 2.45 -11.79 -16.69
CA ASN A 488 2.20 -12.55 -17.93
C ASN A 488 1.18 -13.67 -17.74
N ALA A 489 0.09 -13.34 -17.07
CA ALA A 489 -1.01 -14.28 -16.89
C ALA A 489 -1.56 -14.74 -18.23
N ALA A 490 -1.96 -16.00 -18.29
CA ALA A 490 -2.52 -16.58 -19.50
C ALA A 490 -3.72 -17.45 -19.14
N ILE A 491 -4.73 -17.44 -20.02
CA ILE A 491 -5.74 -18.46 -20.05
C ILE A 491 -5.35 -19.40 -21.19
N GLY A 492 -4.97 -20.62 -20.83
CA GLY A 492 -4.47 -21.56 -21.79
C GLY A 492 -5.54 -22.47 -22.36
N ILE A 493 -5.20 -23.14 -23.45
CA ILE A 493 -6.05 -24.18 -23.98
C ILE A 493 -5.18 -25.31 -24.57
N LEU A 494 -5.63 -26.53 -24.35
CA LEU A 494 -5.04 -27.70 -24.96
C LEU A 494 -6.16 -28.67 -25.31
N LYS A 495 -5.88 -29.50 -26.31
CA LYS A 495 -6.73 -30.59 -26.70
C LYS A 495 -6.28 -31.90 -26.04
N LEU A 496 -7.24 -32.64 -25.50
CA LEU A 496 -7.00 -33.96 -24.94
C LEU A 496 -7.20 -35.03 -26.01
N ASN A 497 -6.64 -36.20 -25.76
CA ASN A 497 -6.97 -37.42 -26.51
C ASN A 497 -8.41 -37.85 -26.21
N LYS A 498 -8.82 -39.00 -26.74
CA LYS A 498 -10.24 -39.42 -26.68
C LYS A 498 -10.64 -40.15 -25.38
N ASP A 499 -9.64 -40.75 -24.75
CA ASP A 499 -9.81 -41.58 -23.56
C ASP A 499 -10.45 -40.78 -22.42
N GLU A 500 -11.76 -40.91 -22.25
CA GLU A 500 -12.48 -40.19 -21.20
C GLU A 500 -11.87 -40.31 -19.79
N LYS A 501 -11.44 -41.52 -19.44
CA LYS A 501 -11.05 -41.83 -18.07
C LYS A 501 -9.56 -41.73 -17.86
N ASN A 502 -8.79 -41.70 -18.93
CA ASN A 502 -7.36 -41.48 -18.83
C ASN A 502 -6.87 -40.40 -19.82
N PRO A 503 -7.39 -39.17 -19.70
CA PRO A 503 -6.96 -38.10 -20.60
C PRO A 503 -5.46 -37.79 -20.55
N LYS A 504 -4.86 -37.68 -21.72
CA LYS A 504 -3.54 -37.10 -21.88
C LYS A 504 -3.58 -36.00 -22.94
N VAL A 505 -2.56 -35.16 -22.92
CA VAL A 505 -2.46 -34.05 -23.84
C VAL A 505 -2.29 -34.56 -25.25
N ALA A 506 -3.19 -34.17 -26.17
CA ALA A 506 -3.02 -34.45 -27.59
C ALA A 506 -2.38 -33.26 -28.32
N GLU A 507 -2.76 -32.03 -27.98
CA GLU A 507 -2.12 -30.87 -28.63
C GLU A 507 -2.17 -29.60 -27.77
N LEU A 508 -1.08 -28.81 -27.81
CA LEU A 508 -1.02 -27.52 -27.11
C LEU A 508 -1.25 -26.38 -28.08
N TYR A 509 -1.86 -25.30 -27.59
CA TYR A 509 -2.03 -24.10 -28.37
C TYR A 509 -1.49 -22.87 -27.63
N SER A 510 -1.28 -21.79 -28.38
CA SER A 510 -1.08 -20.48 -27.78
C SER A 510 -2.27 -20.11 -26.90
N PRO A 511 -2.02 -19.30 -25.86
CA PRO A 511 -3.08 -18.85 -24.95
C PRO A 511 -4.25 -18.22 -25.68
N LEU A 512 -5.44 -18.46 -25.18
CA LEU A 512 -6.61 -17.77 -25.67
C LEU A 512 -6.55 -16.29 -25.28
N ILE A 513 -6.21 -16.03 -24.02
CA ILE A 513 -6.08 -14.66 -23.50
C ILE A 513 -4.70 -14.62 -22.83
N SER A 514 -3.99 -13.49 -22.93
CA SER A 514 -2.78 -13.27 -22.13
C SER A 514 -2.75 -11.82 -21.65
N ALA A 515 -2.01 -11.56 -20.56
CA ALA A 515 -1.92 -10.19 -20.04
C ALA A 515 -0.47 -9.79 -19.73
N PRO A 516 0.43 -9.95 -20.72
CA PRO A 516 1.79 -9.51 -20.47
C PRO A 516 1.85 -8.01 -20.16
N MET A 517 2.69 -7.65 -19.18
CA MET A 517 2.82 -6.28 -18.68
C MET A 517 1.68 -5.81 -17.77
N VAL A 518 0.56 -6.56 -17.75
CA VAL A 518 -0.73 -6.07 -17.25
C VAL A 518 -1.23 -6.75 -15.97
N SER A 519 -1.20 -8.09 -15.92
CA SER A 519 -1.60 -8.85 -14.74
C SER A 519 -0.89 -10.20 -14.68
N ASP A 520 -0.62 -10.66 -13.45
CA ASP A 520 -0.03 -11.97 -13.27
C ASP A 520 -1.02 -12.95 -12.63
N GLU A 521 -2.32 -12.65 -12.63
CA GLU A 521 -3.31 -13.64 -12.14
C GLU A 521 -4.72 -13.41 -12.67
N ILE A 522 -5.19 -14.37 -13.47
CA ILE A 522 -6.55 -14.40 -13.97
C ILE A 522 -7.04 -15.86 -13.77
N GLU A 523 -8.10 -16.02 -13.00
CA GLU A 523 -8.44 -17.33 -12.43
C GLU A 523 -9.78 -17.88 -12.90
N ARG A 524 -9.98 -19.17 -12.63
CA ARG A 524 -11.25 -19.84 -12.86
C ARG A 524 -11.81 -19.57 -14.24
N PRO A 525 -11.00 -19.80 -15.27
CA PRO A 525 -11.53 -19.66 -16.61
C PRO A 525 -12.65 -20.67 -16.85
N ASN A 526 -13.66 -20.22 -17.58
CA ASN A 526 -14.87 -20.98 -17.75
C ASN A 526 -15.42 -20.69 -19.15
N VAL A 527 -15.79 -21.74 -19.88
CA VAL A 527 -16.39 -21.58 -21.20
C VAL A 527 -17.85 -22.02 -21.20
N VAL A 528 -18.73 -21.11 -21.58
CA VAL A 528 -20.14 -21.39 -21.76
C VAL A 528 -20.49 -21.24 -23.23
N LYS A 529 -21.03 -22.29 -23.83
CA LYS A 529 -21.57 -22.23 -25.19
C LYS A 529 -23.02 -21.72 -25.15
N LEU A 530 -23.30 -20.65 -25.89
CA LEU A 530 -24.64 -20.08 -25.97
C LEU A 530 -24.93 -19.81 -27.44
N GLY A 531 -25.95 -20.48 -27.95
CA GLY A 531 -26.17 -20.55 -29.40
C GLY A 531 -25.00 -21.25 -30.06
N ASN A 532 -24.34 -20.56 -30.98
CA ASN A 532 -23.16 -21.09 -31.63
C ASN A 532 -21.94 -20.20 -31.35
N LYS A 533 -21.93 -19.56 -30.19
CA LYS A 533 -20.77 -18.80 -29.76
C LYS A 533 -20.20 -19.41 -28.49
N TYR A 534 -18.91 -19.21 -28.28
CA TYR A 534 -18.25 -19.66 -27.08
C TYR A 534 -17.88 -18.46 -26.20
N TYR A 535 -18.45 -18.41 -25.01
CA TYR A 535 -18.16 -17.33 -24.06
C TYR A 535 -17.17 -17.77 -23.00
N LEU A 536 -16.06 -17.05 -22.94
CA LEU A 536 -14.99 -17.34 -22.03
C LEU A 536 -15.00 -16.30 -20.91
N PHE A 537 -15.25 -16.75 -19.69
CA PHE A 537 -15.30 -15.90 -18.51
C PHE A 537 -14.17 -16.26 -17.56
N ALA A 538 -13.81 -15.33 -16.70
CA ALA A 538 -12.78 -15.57 -15.66
C ALA A 538 -12.89 -14.59 -14.50
N ALA A 539 -12.45 -15.01 -13.34
CA ALA A 539 -12.41 -14.13 -12.18
C ALA A 539 -10.99 -13.57 -12.06
N THR A 540 -10.88 -12.35 -11.54
CA THR A 540 -9.57 -11.77 -11.30
C THR A 540 -9.64 -10.78 -10.15
N ARG A 541 -8.51 -10.64 -9.47
CA ARG A 541 -8.33 -9.64 -8.44
C ARG A 541 -7.47 -8.56 -9.08
N LEU A 542 -8.02 -7.36 -9.24
CA LEU A 542 -7.28 -6.30 -9.95
C LEU A 542 -6.00 -5.93 -9.21
N ASN A 543 -5.91 -6.24 -7.92
CA ASN A 543 -4.66 -5.96 -7.20
C ASN A 543 -3.49 -6.94 -7.55
N ARG A 544 -3.74 -7.86 -8.48
CA ARG A 544 -2.67 -8.70 -9.06
C ARG A 544 -2.20 -8.10 -10.39
N GLY A 545 -2.71 -6.92 -10.71
CA GLY A 545 -2.33 -6.19 -11.91
C GLY A 545 -1.23 -5.19 -11.63
N SER A 546 -0.63 -4.71 -12.71
CA SER A 546 0.53 -3.88 -12.60
C SER A 546 0.17 -2.43 -12.32
N ASN A 547 -1.01 -1.99 -12.73
CA ASN A 547 -1.41 -0.59 -12.58
C ASN A 547 -1.87 -0.30 -11.12
N ASP A 548 -0.91 -0.01 -10.23
CA ASP A 548 -1.24 0.21 -8.80
C ASP A 548 -2.27 1.31 -8.59
N ASP A 549 -2.16 2.41 -9.32
CA ASP A 549 -3.11 3.52 -9.22
C ASP A 549 -4.54 3.03 -9.46
N ALA A 550 -4.74 2.31 -10.56
CA ALA A 550 -6.05 1.81 -10.93
C ALA A 550 -6.68 0.96 -9.82
N TRP A 551 -5.95 -0.03 -9.31
CA TRP A 551 -6.55 -0.91 -8.30
C TRP A 551 -6.59 -0.33 -6.89
N MET A 552 -5.68 0.58 -6.57
CA MET A 552 -5.72 1.27 -5.28
C MET A 552 -6.90 2.24 -5.29
N ASN A 553 -7.18 2.83 -6.46
CA ASN A 553 -8.40 3.62 -6.65
C ASN A 553 -9.68 2.77 -6.57
N ALA A 554 -9.63 1.54 -7.05
CA ALA A 554 -10.76 0.61 -6.88
C ALA A 554 -11.02 0.38 -5.39
N ASN A 555 -9.96 0.12 -4.63
CA ASN A 555 -10.09 -0.13 -3.20
C ASN A 555 -10.70 1.08 -2.47
N TYR A 556 -10.15 2.26 -2.72
CA TYR A 556 -10.62 3.51 -2.14
C TYR A 556 -12.12 3.75 -2.45
N ALA A 557 -12.51 3.58 -3.71
CA ALA A 557 -13.92 3.77 -4.09
C ALA A 557 -14.89 2.71 -3.49
N VAL A 558 -14.55 1.42 -3.56
CA VAL A 558 -15.50 0.32 -3.20
C VAL A 558 -15.12 -0.52 -1.97
N GLY A 559 -13.84 -0.55 -1.63
CA GLY A 559 -13.37 -1.45 -0.59
C GLY A 559 -13.00 -2.83 -1.13
N ASP A 560 -13.05 -3.02 -2.44
CA ASP A 560 -12.58 -4.27 -3.06
C ASP A 560 -12.23 -4.05 -4.51
N ASN A 561 -11.62 -5.05 -5.11
CA ASN A 561 -11.07 -4.90 -6.44
C ASN A 561 -11.30 -6.11 -7.32
N VAL A 562 -12.23 -6.97 -6.92
CA VAL A 562 -12.50 -8.17 -7.73
C VAL A 562 -13.41 -7.88 -8.91
N ALA A 563 -13.30 -8.73 -9.91
CA ALA A 563 -14.08 -8.62 -11.11
C ALA A 563 -14.23 -9.99 -11.79
N MET A 564 -15.22 -10.10 -12.66
CA MET A 564 -15.27 -11.15 -13.66
C MET A 564 -15.10 -10.48 -15.03
N VAL A 565 -14.29 -11.08 -15.87
CA VAL A 565 -14.10 -10.59 -17.21
C VAL A 565 -14.67 -11.62 -18.17
N GLY A 566 -14.87 -11.21 -19.41
CA GLY A 566 -15.45 -12.10 -20.39
C GLY A 566 -15.05 -11.74 -21.80
N TYR A 567 -15.03 -12.78 -22.64
CA TYR A 567 -14.63 -12.72 -24.05
C TYR A 567 -15.53 -13.67 -24.82
N VAL A 568 -15.52 -13.56 -26.14
CA VAL A 568 -16.40 -14.39 -26.94
C VAL A 568 -15.73 -14.75 -28.26
N ALA A 569 -15.94 -15.99 -28.69
CA ALA A 569 -15.38 -16.49 -29.93
C ALA A 569 -16.43 -17.28 -30.68
N ASP A 570 -16.22 -17.41 -31.99
CA ASP A 570 -17.11 -18.21 -32.84
C ASP A 570 -16.70 -19.68 -32.87
N SER A 571 -15.54 -19.99 -32.33
CA SER A 571 -15.13 -21.38 -32.18
C SER A 571 -14.29 -21.49 -30.93
N LEU A 572 -14.12 -22.72 -30.48
CA LEU A 572 -13.54 -22.97 -29.19
C LEU A 572 -12.07 -22.52 -29.11
N THR A 573 -11.29 -22.80 -30.14
CA THR A 573 -9.91 -22.33 -30.23
C THR A 573 -9.77 -21.08 -31.11
N GLY A 574 -10.87 -20.39 -31.39
CA GLY A 574 -10.85 -19.24 -32.30
C GLY A 574 -10.34 -18.03 -31.56
N SER A 575 -10.39 -16.89 -32.22
CA SER A 575 -9.99 -15.62 -31.62
C SER A 575 -11.09 -15.12 -30.68
N TYR A 576 -10.74 -14.90 -29.42
CA TYR A 576 -11.68 -14.38 -28.43
C TYR A 576 -11.63 -12.85 -28.38
N LYS A 577 -12.81 -12.22 -28.39
CA LYS A 577 -12.92 -10.77 -28.35
C LYS A 577 -13.62 -10.31 -27.08
N PRO A 578 -13.11 -9.24 -26.47
CA PRO A 578 -13.62 -8.84 -25.15
C PRO A 578 -15.09 -8.44 -25.22
N LEU A 579 -15.82 -8.70 -24.13
CA LEU A 579 -17.19 -8.22 -24.01
C LEU A 579 -17.16 -6.84 -23.38
N ASN A 580 -18.21 -6.07 -23.65
CA ASN A 580 -18.35 -4.71 -23.08
C ASN A 580 -17.11 -3.84 -23.27
N ASP A 581 -16.58 -3.85 -24.50
CA ASP A 581 -15.34 -3.13 -24.84
C ASP A 581 -14.04 -3.65 -24.22
N SER A 582 -13.94 -3.57 -22.89
CA SER A 582 -12.71 -3.83 -22.16
C SER A 582 -12.56 -5.26 -21.65
N GLY A 583 -13.66 -6.01 -21.69
CA GLY A 583 -13.67 -7.37 -21.17
C GLY A 583 -14.35 -7.42 -19.82
N VAL A 584 -14.67 -6.26 -19.24
CA VAL A 584 -15.42 -6.23 -17.97
C VAL A 584 -16.80 -6.89 -18.10
N VAL A 585 -17.18 -7.66 -17.08
CA VAL A 585 -18.52 -8.27 -17.01
C VAL A 585 -19.14 -8.02 -15.65
N LEU A 586 -18.41 -8.35 -14.58
CA LEU A 586 -18.85 -8.05 -13.21
C LEU A 586 -17.81 -7.24 -12.46
N THR A 587 -18.26 -6.30 -11.62
CA THR A 587 -17.36 -5.55 -10.76
C THR A 587 -17.81 -5.59 -9.29
N ALA A 588 -16.85 -5.62 -8.39
CA ALA A 588 -17.13 -5.62 -6.96
C ALA A 588 -18.03 -4.45 -6.58
N SER A 589 -18.93 -4.69 -5.63
CA SER A 589 -19.86 -3.65 -5.15
C SER A 589 -19.76 -3.38 -3.64
N VAL A 590 -19.11 -4.26 -2.86
CA VAL A 590 -18.97 -4.05 -1.42
C VAL A 590 -17.55 -4.29 -0.94
N PRO A 591 -17.20 -3.75 0.24
CA PRO A 591 -15.86 -3.99 0.77
C PRO A 591 -15.53 -5.47 0.98
N ALA A 592 -14.25 -5.81 0.79
CA ALA A 592 -13.80 -7.20 0.78
C ALA A 592 -13.97 -7.89 2.14
N ASN A 593 -14.04 -7.13 3.22
CA ASN A 593 -14.18 -7.71 4.55
C ASN A 593 -15.61 -7.80 5.06
N TRP A 594 -16.59 -7.48 4.22
CA TRP A 594 -17.98 -7.61 4.61
C TRP A 594 -18.47 -9.03 4.41
N ARG A 595 -19.44 -9.41 5.22
CA ARG A 595 -20.14 -10.70 5.07
C ARG A 595 -20.55 -10.98 3.62
N THR A 596 -21.15 -9.99 2.95
CA THR A 596 -21.66 -10.20 1.58
C THR A 596 -20.62 -9.98 0.44
N ALA A 597 -19.33 -9.89 0.77
CA ALA A 597 -18.27 -9.86 -0.26
C ALA A 597 -18.27 -11.19 -1.03
N THR A 598 -17.97 -11.12 -2.32
CA THR A 598 -17.95 -12.30 -3.15
C THR A 598 -16.66 -12.43 -3.95
N TYR A 599 -16.43 -13.65 -4.43
CA TYR A 599 -15.36 -13.91 -5.38
C TYR A 599 -15.56 -15.26 -6.07
N SER A 600 -14.70 -15.50 -7.07
CA SER A 600 -14.65 -16.76 -7.78
C SER A 600 -15.97 -17.03 -8.50
N TYR A 601 -16.44 -15.99 -9.18
CA TYR A 601 -17.65 -15.98 -10.00
C TYR A 601 -17.54 -17.10 -11.02
N TYR A 602 -18.61 -17.87 -11.15
CA TYR A 602 -18.62 -19.00 -12.07
C TYR A 602 -19.98 -19.11 -12.75
N ALA A 603 -19.97 -18.84 -14.04
CA ALA A 603 -21.17 -18.79 -14.84
C ALA A 603 -21.60 -20.19 -15.28
N VAL A 604 -22.89 -20.50 -15.14
CA VAL A 604 -23.46 -21.79 -15.48
C VAL A 604 -24.65 -21.55 -16.40
N PRO A 605 -24.81 -22.38 -17.46
CA PRO A 605 -25.94 -22.12 -18.36
C PRO A 605 -27.30 -22.35 -17.72
N VAL A 606 -28.33 -21.91 -18.40
CA VAL A 606 -29.68 -21.98 -17.86
C VAL A 606 -30.48 -22.79 -18.87
N ALA A 607 -31.19 -23.82 -18.39
CA ALA A 607 -31.96 -24.71 -19.29
C ALA A 607 -33.00 -23.93 -20.10
N GLY A 608 -32.95 -24.06 -21.43
CA GLY A 608 -33.96 -23.43 -22.30
C GLY A 608 -33.65 -22.02 -22.78
N LYS A 609 -32.54 -21.45 -22.31
CA LYS A 609 -32.20 -20.07 -22.69
C LYS A 609 -30.80 -19.99 -23.28
N ASP A 610 -30.66 -19.20 -24.34
CA ASP A 610 -29.35 -19.02 -24.98
C ASP A 610 -28.78 -17.62 -24.76
N ASP A 611 -29.41 -16.84 -23.88
CA ASP A 611 -29.03 -15.44 -23.67
C ASP A 611 -28.91 -15.05 -22.19
N GLN A 612 -28.87 -16.05 -21.30
CA GLN A 612 -28.67 -15.82 -19.88
C GLN A 612 -27.71 -16.86 -19.34
N VAL A 613 -26.95 -16.48 -18.32
CA VAL A 613 -26.25 -17.45 -17.50
C VAL A 613 -26.57 -17.16 -16.05
N LEU A 614 -26.40 -18.17 -15.21
CA LEU A 614 -26.54 -18.03 -13.75
C LEU A 614 -25.14 -17.91 -13.12
N VAL A 615 -24.87 -16.78 -12.48
CA VAL A 615 -23.56 -16.56 -11.89
C VAL A 615 -23.56 -17.05 -10.44
N THR A 616 -22.72 -18.05 -10.19
CA THR A 616 -22.51 -18.54 -8.85
C THR A 616 -21.22 -17.94 -8.31
N SER A 617 -21.08 -17.97 -6.98
CA SER A 617 -19.86 -17.52 -6.34
C SER A 617 -19.83 -17.97 -4.90
N TYR A 618 -18.66 -17.88 -4.29
CA TYR A 618 -18.58 -18.06 -2.87
C TYR A 618 -18.69 -16.70 -2.23
N MET A 619 -19.23 -16.68 -1.02
CA MET A 619 -19.48 -15.44 -0.27
C MET A 619 -18.70 -15.45 1.04
N THR A 620 -18.22 -14.28 1.42
CA THR A 620 -17.40 -14.07 2.59
C THR A 620 -15.99 -14.57 2.34
N ASN A 621 -15.04 -13.65 2.52
CA ASN A 621 -13.67 -13.99 2.26
C ASN A 621 -13.14 -14.88 3.35
N ARG A 622 -12.16 -15.70 2.98
CA ARG A 622 -11.67 -16.78 3.84
C ARG A 622 -11.05 -16.30 5.15
N ASN A 623 -10.85 -17.25 6.05
CA ASN A 623 -10.02 -17.05 7.23
C ASN A 623 -10.55 -16.03 8.24
N GLY A 624 -11.86 -15.92 8.34
CA GLY A 624 -12.50 -15.14 9.39
C GLY A 624 -12.32 -13.63 9.29
N VAL A 625 -12.04 -13.11 8.10
CA VAL A 625 -11.84 -11.66 7.95
C VAL A 625 -13.11 -10.85 8.17
N ALA A 626 -14.27 -11.47 8.01
CA ALA A 626 -15.54 -10.79 8.24
C ALA A 626 -16.00 -10.94 9.69
N GLY A 627 -15.19 -11.61 10.51
CA GLY A 627 -15.44 -11.73 11.95
C GLY A 627 -15.66 -13.16 12.43
N LYS A 628 -15.79 -13.28 13.74
CA LYS A 628 -16.03 -14.54 14.47
C LYS A 628 -17.04 -15.45 13.79
N GLY A 629 -16.59 -16.62 13.34
CA GLY A 629 -17.48 -17.65 12.76
C GLY A 629 -18.27 -17.27 11.52
N MET A 630 -17.79 -16.25 10.81
CA MET A 630 -18.36 -15.90 9.51
C MET A 630 -17.54 -16.67 8.48
N ASP A 631 -17.98 -17.88 8.19
CA ASP A 631 -17.22 -18.74 7.32
C ASP A 631 -17.53 -18.36 5.87
N SER A 632 -16.62 -18.69 4.97
CA SER A 632 -16.90 -18.65 3.54
C SER A 632 -17.98 -19.67 3.27
N THR A 633 -19.00 -19.24 2.55
CA THR A 633 -20.19 -20.00 2.28
C THR A 633 -20.54 -19.81 0.79
N TRP A 634 -21.67 -20.36 0.35
CA TRP A 634 -22.12 -20.19 -1.04
C TRP A 634 -23.03 -18.98 -1.17
N ALA A 635 -22.78 -18.14 -2.18
CA ALA A 635 -23.54 -16.94 -2.40
C ALA A 635 -24.89 -17.28 -3.00
N PRO A 636 -25.89 -16.40 -2.79
CA PRO A 636 -27.04 -16.45 -3.67
C PRO A 636 -26.53 -16.29 -5.11
N SER A 637 -27.24 -16.87 -6.07
CA SER A 637 -26.82 -16.80 -7.44
C SER A 637 -27.66 -15.77 -8.12
N PHE A 638 -27.17 -15.23 -9.23
CA PHE A 638 -27.95 -14.24 -9.96
C PHE A 638 -27.81 -14.38 -11.47
N LEU A 639 -28.82 -13.93 -12.20
CA LEU A 639 -28.79 -14.03 -13.66
C LEU A 639 -28.01 -12.89 -14.30
N LEU A 640 -27.29 -13.23 -15.37
CA LEU A 640 -26.53 -12.30 -16.17
C LEU A 640 -27.02 -12.47 -17.59
N GLN A 641 -27.48 -11.39 -18.19
CA GLN A 641 -27.99 -11.46 -19.56
C GLN A 641 -26.84 -11.27 -20.50
N ILE A 642 -26.77 -12.15 -21.49
CA ILE A 642 -25.80 -12.03 -22.57
C ILE A 642 -26.50 -11.50 -23.82
N ASN A 643 -26.03 -10.34 -24.30
CA ASN A 643 -26.64 -9.67 -25.44
C ASN A 643 -25.92 -10.02 -26.71
N PRO A 644 -26.65 -10.00 -27.84
CA PRO A 644 -26.03 -10.46 -29.08
C PRO A 644 -24.93 -9.55 -29.64
N ASP A 645 -24.73 -8.36 -29.08
CA ASP A 645 -23.74 -7.41 -29.60
C ASP A 645 -22.48 -7.42 -28.72
N ASN A 646 -22.18 -8.57 -28.11
CA ASN A 646 -20.98 -8.74 -27.30
C ASN A 646 -20.97 -7.79 -26.11
N THR A 647 -22.14 -7.62 -25.50
CA THR A 647 -22.28 -6.96 -24.20
C THR A 647 -23.08 -7.84 -23.28
N THR A 648 -23.10 -7.44 -22.02
CA THR A 648 -23.81 -8.16 -20.99
C THR A 648 -24.49 -7.16 -20.08
N THR A 649 -25.47 -7.66 -19.34
CA THR A 649 -26.23 -6.86 -18.40
C THR A 649 -26.61 -7.70 -17.20
N VAL A 650 -26.26 -7.24 -16.02
CA VAL A 650 -26.68 -7.88 -14.79
C VAL A 650 -28.21 -7.73 -14.60
N LEU A 651 -28.87 -8.83 -14.25
CA LEU A 651 -30.31 -8.81 -13.99
C LEU A 651 -30.59 -8.86 -12.49
N ALA A 652 -31.68 -8.21 -12.10
CA ALA A 652 -32.17 -8.22 -10.72
C ALA A 652 -33.01 -9.48 -10.47
N LYS A 653 -32.38 -10.63 -10.66
CA LYS A 653 -33.00 -11.93 -10.56
C LYS A 653 -32.05 -12.79 -9.74
N MET A 654 -32.44 -13.18 -8.54
CA MET A 654 -31.56 -13.80 -7.57
C MET A 654 -32.17 -15.07 -6.98
N THR A 655 -31.32 -16.00 -6.55
CA THR A 655 -31.77 -17.25 -5.96
C THR A 655 -31.47 -17.26 -4.46
N ASN A 656 -31.84 -18.36 -3.81
CA ASN A 656 -31.28 -18.74 -2.50
C ASN A 656 -29.78 -18.93 -2.60
N GLN A 657 -29.10 -18.95 -1.45
CA GLN A 657 -27.68 -19.26 -1.40
C GLN A 657 -27.46 -20.65 -2.00
N GLY A 658 -26.50 -20.76 -2.91
CA GLY A 658 -26.00 -22.06 -3.30
C GLY A 658 -26.84 -22.76 -4.33
N ASP A 659 -27.63 -21.98 -5.09
CA ASP A 659 -28.47 -22.53 -6.14
C ASP A 659 -27.69 -22.55 -7.48
N TRP A 660 -27.56 -23.73 -8.07
CA TRP A 660 -26.79 -23.93 -9.29
C TRP A 660 -27.68 -24.12 -10.52
N ILE A 661 -28.99 -24.18 -10.31
CA ILE A 661 -29.94 -24.52 -11.37
C ILE A 661 -31.07 -23.50 -11.36
N TRP A 662 -31.06 -22.56 -12.30
CA TRP A 662 -32.11 -21.58 -12.35
C TRP A 662 -33.34 -22.19 -13.02
N ASP A 663 -34.51 -21.94 -12.43
CA ASP A 663 -35.80 -22.12 -13.11
C ASP A 663 -36.77 -21.11 -12.53
N ASP A 664 -38.03 -21.14 -12.96
CA ASP A 664 -39.04 -20.19 -12.48
C ASP A 664 -39.22 -20.23 -10.96
N SER A 665 -39.16 -21.42 -10.40
CA SER A 665 -39.38 -21.59 -8.98
C SER A 665 -38.16 -21.22 -8.11
N SER A 666 -37.00 -20.98 -8.74
CA SER A 666 -35.78 -20.74 -7.96
C SER A 666 -35.64 -19.31 -7.49
N GLU A 667 -36.40 -18.37 -8.06
CA GLU A 667 -36.24 -16.96 -7.72
C GLU A 667 -36.62 -16.63 -6.29
N ASN A 668 -35.77 -15.86 -5.60
CA ASN A 668 -36.09 -15.34 -4.27
C ASN A 668 -35.66 -13.89 -4.17
N LEU A 669 -36.58 -13.01 -4.55
CA LEU A 669 -36.32 -11.58 -4.57
C LEU A 669 -36.07 -11.03 -3.16
N ASP A 670 -36.44 -11.78 -2.12
CA ASP A 670 -36.12 -11.39 -0.74
C ASP A 670 -34.62 -11.39 -0.47
N MET A 671 -33.83 -12.14 -1.26
CA MET A 671 -32.38 -12.14 -1.08
C MET A 671 -31.70 -10.86 -1.60
N ILE A 672 -32.41 -10.08 -2.42
CA ILE A 672 -31.85 -8.84 -2.97
C ILE A 672 -31.75 -7.78 -1.89
N GLY A 673 -30.56 -7.20 -1.77
CA GLY A 673 -30.34 -6.12 -0.81
C GLY A 673 -30.21 -4.79 -1.50
N ASP A 674 -29.81 -3.79 -0.75
CA ASP A 674 -29.35 -2.53 -1.32
C ASP A 674 -28.12 -2.11 -0.56
N LEU A 675 -27.56 -0.95 -0.92
CA LEU A 675 -26.36 -0.41 -0.28
C LEU A 675 -26.42 -0.58 1.23
N ASP A 676 -27.58 -0.24 1.80
CA ASP A 676 -27.73 -0.23 3.25
C ASP A 676 -27.74 -1.64 3.82
N SER A 677 -28.61 -2.49 3.27
CA SER A 677 -28.83 -3.83 3.78
C SER A 677 -27.77 -4.86 3.34
N ALA A 678 -26.84 -4.45 2.48
CA ALA A 678 -25.68 -5.29 2.15
C ALA A 678 -24.69 -5.42 3.30
N ALA A 679 -24.77 -4.51 4.28
CA ALA A 679 -23.92 -4.57 5.48
C ALA A 679 -24.70 -5.09 6.70
N LEU A 680 -24.05 -5.90 7.54
CA LEU A 680 -24.58 -6.20 8.88
C LEU A 680 -24.31 -4.99 9.77
N PRO A 681 -25.11 -4.81 10.84
CA PRO A 681 -24.83 -3.65 11.72
C PRO A 681 -23.38 -3.64 12.19
N GLY A 682 -22.75 -2.48 12.15
CA GLY A 682 -21.37 -2.33 12.60
C GLY A 682 -20.33 -2.44 11.50
N GLU A 683 -20.65 -3.20 10.45
CA GLU A 683 -19.66 -3.45 9.40
C GLU A 683 -19.11 -2.19 8.74
N ARG A 684 -19.97 -1.18 8.59
CA ARG A 684 -19.53 0.11 8.03
C ARG A 684 -18.45 0.80 8.86
N ASP A 685 -18.49 0.62 10.18
CA ASP A 685 -17.49 1.23 11.06
C ASP A 685 -16.29 0.30 11.34
N LYS A 686 -16.21 -0.81 10.60
CA LYS A 686 -15.20 -1.83 10.81
C LYS A 686 -13.90 -1.39 10.14
N PRO A 687 -12.74 -1.76 10.69
CA PRO A 687 -11.50 -1.32 10.04
C PRO A 687 -11.24 -2.06 8.73
N VAL A 688 -10.56 -1.40 7.80
CA VAL A 688 -10.13 -2.03 6.58
C VAL A 688 -9.17 -3.16 6.89
N ASP A 689 -9.30 -4.26 6.14
CA ASP A 689 -8.33 -5.34 6.17
C ASP A 689 -7.36 -5.15 4.99
N TRP A 690 -6.16 -4.63 5.26
CA TRP A 690 -5.28 -4.16 4.19
C TRP A 690 -4.54 -5.28 3.48
N ASP A 691 -4.25 -6.37 4.19
CA ASP A 691 -3.62 -7.52 3.56
C ASP A 691 -4.59 -8.12 2.51
N LEU A 692 -5.88 -8.11 2.82
CA LEU A 692 -6.92 -8.64 1.95
C LEU A 692 -7.05 -7.85 0.63
N ILE A 693 -7.14 -6.53 0.73
CA ILE A 693 -7.34 -5.71 -0.47
C ILE A 693 -6.05 -5.24 -1.15
N GLY A 694 -4.92 -5.27 -0.44
CA GLY A 694 -3.63 -4.80 -0.96
C GLY A 694 -3.37 -3.30 -0.77
N TYR A 695 -2.11 -2.92 -0.89
CA TYR A 695 -1.68 -1.50 -0.93
C TYR A 695 -0.28 -1.41 -1.56
N GLY A 696 -0.20 -0.72 -2.70
CA GLY A 696 1.06 -0.57 -3.46
C GLY A 696 2.24 0.00 -2.68
N LYS B 178 2.85 -25.25 25.13
CA LYS B 178 4.14 -25.20 25.85
C LYS B 178 4.66 -23.75 25.88
N LEU B 179 4.24 -23.01 26.89
CA LEU B 179 4.60 -21.61 27.05
C LEU B 179 5.50 -21.43 28.26
N ASN B 180 6.44 -20.48 28.21
CA ASN B 180 7.14 -20.12 29.44
C ASN B 180 6.16 -19.36 30.33
N LYS B 181 6.57 -18.99 31.54
CA LYS B 181 5.60 -18.43 32.47
C LYS B 181 5.16 -17.02 32.13
N ASP B 182 6.08 -16.16 31.69
CA ASP B 182 5.70 -14.81 31.26
C ASP B 182 4.68 -14.88 30.13
N ALA B 183 4.94 -15.74 29.15
CA ALA B 183 4.07 -15.88 27.98
C ALA B 183 2.67 -16.28 28.41
N GLU B 184 2.59 -17.30 29.25
CA GLU B 184 1.32 -17.73 29.77
C GLU B 184 0.59 -16.63 30.53
N ASN B 185 1.33 -15.91 31.38
CA ASN B 185 0.79 -14.77 32.13
C ASN B 185 0.13 -13.72 31.25
N VAL B 186 0.85 -13.25 30.24
CA VAL B 186 0.31 -12.18 29.39
C VAL B 186 -0.84 -12.69 28.53
N VAL B 187 -0.76 -13.96 28.13
CA VAL B 187 -1.85 -14.59 27.40
C VAL B 187 -3.14 -14.62 28.23
N LYS B 188 -3.05 -15.01 29.51
CA LYS B 188 -4.26 -15.04 30.34
C LYS B 188 -4.75 -13.64 30.66
N LYS B 189 -3.84 -12.72 31.02
CA LYS B 189 -4.22 -11.33 31.26
C LYS B 189 -4.90 -10.70 30.05
N ALA B 190 -4.55 -11.16 28.84
CA ALA B 190 -5.20 -10.70 27.62
C ALA B 190 -6.52 -11.42 27.31
N GLY B 191 -6.95 -12.35 28.18
CA GLY B 191 -8.19 -13.09 27.97
C GLY B 191 -8.08 -14.03 26.78
N ILE B 192 -6.88 -14.52 26.49
CA ILE B 192 -6.69 -15.42 25.35
C ILE B 192 -6.55 -16.84 25.86
N ASP B 193 -7.24 -17.76 25.20
CA ASP B 193 -7.14 -19.17 25.50
C ASP B 193 -5.82 -19.72 24.93
N PRO B 194 -4.89 -20.11 25.82
CA PRO B 194 -3.59 -20.61 25.35
C PRO B 194 -3.67 -21.68 24.26
N ASN B 195 -4.74 -22.46 24.26
CA ASN B 195 -4.88 -23.55 23.30
C ASN B 195 -5.35 -23.12 21.90
N SER B 196 -5.80 -21.88 21.76
CA SER B 196 -6.15 -21.35 20.43
C SER B 196 -4.92 -20.83 19.67
N LEU B 197 -3.79 -20.73 20.38
CA LEU B 197 -2.55 -20.21 19.80
C LEU B 197 -1.98 -21.20 18.81
N THR B 198 -1.46 -20.70 17.70
CA THR B 198 -0.77 -21.55 16.72
C THR B 198 0.62 -21.89 17.28
N ASP B 199 1.36 -22.73 16.56
CA ASP B 199 2.73 -23.06 16.95
C ASP B 199 3.67 -21.87 16.75
N ASP B 200 3.53 -21.16 15.64
CA ASP B 200 4.34 -19.96 15.37
C ASP B 200 4.13 -18.90 16.43
N GLN B 201 2.89 -18.76 16.87
CA GLN B 201 2.53 -17.79 17.89
C GLN B 201 3.14 -18.17 19.24
N ILE B 202 3.14 -19.46 19.55
CA ILE B 202 3.76 -19.94 20.80
C ILE B 202 5.25 -19.65 20.78
N LYS B 203 5.95 -19.99 19.69
CA LYS B 203 7.40 -19.76 19.66
C LYS B 203 7.80 -18.27 19.67
N ALA B 204 6.96 -17.41 19.09
CA ALA B 204 7.14 -15.97 19.17
C ALA B 204 7.01 -15.44 20.61
N LEU B 205 5.98 -15.88 21.31
CA LEU B 205 5.80 -15.49 22.72
C LEU B 205 6.95 -15.98 23.60
N ASN B 206 7.41 -17.20 23.36
CA ASN B 206 8.51 -17.80 24.11
C ASN B 206 9.88 -17.14 23.85
N LYS B 207 10.02 -16.47 22.72
CA LYS B 207 11.20 -15.70 22.41
C LYS B 207 11.15 -14.28 22.96
N MET B 208 9.98 -13.81 23.38
CA MET B 208 9.82 -12.46 23.83
C MET B 208 10.71 -12.21 25.05
N ASN B 209 11.47 -11.13 25.00
CA ASN B 209 12.22 -10.66 26.14
C ASN B 209 11.36 -9.66 26.91
N PHE B 210 10.78 -10.12 28.02
CA PHE B 210 9.96 -9.28 28.91
C PHE B 210 10.77 -8.50 29.95
N SER B 211 12.08 -8.72 30.01
CA SER B 211 12.91 -8.11 31.04
C SER B 211 13.61 -6.81 30.76
N LYS B 212 14.16 -6.71 29.57
CA LYS B 212 14.91 -5.57 29.08
C LYS B 212 14.29 -4.25 29.51
N ALA B 213 15.03 -3.49 30.28
CA ALA B 213 14.61 -2.19 30.78
C ALA B 213 15.06 -1.11 29.82
N ALA B 214 14.49 0.07 29.89
CA ALA B 214 14.94 1.08 28.97
C ALA B 214 16.19 1.75 29.50
N LYS B 215 17.07 2.07 28.58
CA LYS B 215 18.34 2.71 28.90
C LYS B 215 18.28 4.12 29.52
N GLY B 217 16.41 7.23 27.95
CA GLY B 217 15.66 8.09 27.09
C GLY B 217 14.30 7.45 27.00
N THR B 218 13.35 8.26 26.71
CA THR B 218 12.01 7.84 26.55
C THR B 218 11.88 7.20 25.17
N GLN B 219 10.99 6.27 25.00
CA GLN B 219 10.77 5.72 23.70
C GLN B 219 9.38 6.05 23.14
N MET B 220 9.30 6.22 21.84
CA MET B 220 8.01 6.22 21.18
C MET B 220 7.67 4.76 20.99
N THR B 221 6.74 4.24 21.78
CA THR B 221 6.36 2.81 21.71
C THR B 221 5.42 2.56 20.54
N TYR B 222 5.13 1.28 20.31
CA TYR B 222 4.25 0.90 19.22
C TYR B 222 2.84 1.39 19.53
N ASN B 223 2.50 1.37 20.81
CA ASN B 223 1.22 1.87 21.29
C ASN B 223 1.11 3.39 21.12
N ASP B 224 2.16 4.14 21.50
CA ASP B 224 2.19 5.60 21.28
C ASP B 224 1.91 5.93 19.82
N PHE B 225 2.63 5.26 18.93
CA PHE B 225 2.52 5.49 17.49
C PHE B 225 1.07 5.26 17.04
N GLN B 226 0.48 4.16 17.49
CA GLN B 226 -0.88 3.82 17.14
C GLN B 226 -1.84 4.92 17.62
N LYS B 227 -1.61 5.44 18.81
CA LYS B 227 -2.47 6.49 19.36
C LYS B 227 -2.30 7.79 18.61
N ILE B 228 -1.08 8.08 18.21
CA ILE B 228 -0.82 9.29 17.43
C ILE B 228 -1.61 9.18 16.13
N ALA B 229 -1.53 8.02 15.48
CA ALA B 229 -2.28 7.84 14.23
C ALA B 229 -3.80 7.90 14.43
N ASP B 230 -4.29 7.28 15.52
CA ASP B 230 -5.70 7.30 15.84
C ASP B 230 -6.20 8.74 16.07
N THR B 231 -5.42 9.52 16.80
CA THR B 231 -5.73 10.94 16.98
C THR B 231 -5.80 11.66 15.63
N LEU B 232 -4.82 11.42 14.75
CA LEU B 232 -4.86 12.01 13.41
C LEU B 232 -6.19 11.67 12.70
N ILE B 233 -6.56 10.39 12.79
CA ILE B 233 -7.72 9.85 12.10
C ILE B 233 -8.99 10.54 12.62
N LYS B 234 -9.09 10.73 13.92
CA LYS B 234 -10.25 11.41 14.52
C LYS B 234 -10.40 12.89 14.18
N GLN B 235 -9.33 13.56 13.74
CA GLN B 235 -9.42 14.95 13.29
C GLN B 235 -10.01 15.81 14.38
N ASP B 236 -9.32 15.80 15.50
CA ASP B 236 -9.74 16.49 16.70
C ASP B 236 -9.10 17.89 16.66
N GLY B 237 -9.96 18.90 16.74
CA GLY B 237 -9.56 20.31 16.62
C GLY B 237 -8.51 20.80 17.59
N ARG B 238 -8.26 20.03 18.65
CA ARG B 238 -7.22 20.40 19.61
C ARG B 238 -5.82 20.17 19.04
N TYR B 239 -5.74 19.31 18.04
CA TYR B 239 -4.46 18.89 17.50
C TYR B 239 -4.32 19.07 16.00
N THR B 240 -5.42 19.26 15.29
CA THR B 240 -5.31 19.36 13.84
C THR B 240 -4.65 20.66 13.46
N VAL B 241 -3.75 20.56 12.48
CA VAL B 241 -3.26 21.75 11.83
C VAL B 241 -4.50 22.49 11.31
N PRO B 242 -4.57 23.80 11.58
CA PRO B 242 -5.74 24.57 11.19
C PRO B 242 -5.90 24.61 9.69
N PHE B 243 -7.14 24.78 9.24
CA PHE B 243 -7.42 24.95 7.83
C PHE B 243 -6.93 26.33 7.38
N PHE B 244 -6.24 26.37 6.25
CA PHE B 244 -5.73 27.61 5.68
C PHE B 244 -6.57 27.97 4.47
N LYS B 245 -6.82 29.26 4.26
CA LYS B 245 -7.61 29.69 3.11
C LYS B 245 -6.76 29.63 1.84
N ALA B 246 -7.03 28.62 1.03
CA ALA B 246 -6.18 28.28 -0.11
C ALA B 246 -6.02 29.43 -1.08
N SER B 247 -7.11 30.15 -1.32
CA SER B 247 -7.10 31.25 -2.28
C SER B 247 -6.07 32.33 -1.91
N GLU B 248 -5.69 32.43 -0.65
CA GLU B 248 -4.73 33.46 -0.21
C GLU B 248 -3.27 33.05 -0.37
N ILE B 249 -3.01 31.80 -0.74
CA ILE B 249 -1.64 31.28 -0.65
C ILE B 249 -0.81 31.70 -1.87
N LYS B 250 0.37 32.23 -1.59
CA LYS B 250 1.32 32.68 -2.61
C LYS B 250 2.64 31.90 -2.55
N ASN B 251 3.26 31.72 -3.71
CA ASN B 251 4.68 31.39 -3.79
C ASN B 251 5.48 32.54 -3.16
N MET B 252 6.56 32.23 -2.47
CA MET B 252 7.36 33.26 -1.82
C MET B 252 8.13 34.03 -2.88
N PRO B 253 7.96 35.37 -2.95
CA PRO B 253 8.67 36.03 -4.07
C PRO B 253 10.21 35.86 -4.03
N ALA B 254 10.79 35.82 -2.83
CA ALA B 254 12.23 35.63 -2.68
C ALA B 254 12.72 34.21 -3.06
N ALA B 255 11.80 33.27 -3.25
CA ALA B 255 12.11 31.95 -3.80
C ALA B 255 12.21 31.94 -5.33
N THR B 256 11.94 33.08 -5.97
CA THR B 256 12.31 33.24 -7.37
C THR B 256 13.65 33.94 -7.35
N THR B 257 14.71 33.17 -7.56
CA THR B 257 16.05 33.62 -7.24
C THR B 257 17.02 32.82 -8.09
N LYS B 258 18.27 33.27 -8.13
CA LYS B 258 19.29 32.55 -8.88
C LYS B 258 19.56 31.24 -8.16
N ASP B 259 19.37 30.14 -8.87
CA ASP B 259 19.55 28.81 -8.32
C ASP B 259 21.04 28.52 -8.12
N ALA B 260 21.35 27.84 -7.03
CA ALA B 260 22.75 27.58 -6.65
C ALA B 260 23.45 26.63 -7.63
N GLN B 261 22.68 25.74 -8.28
CA GLN B 261 23.26 24.77 -9.22
C GLN B 261 23.26 25.24 -10.67
N THR B 262 22.19 25.86 -11.14
CA THR B 262 22.08 26.24 -12.55
C THR B 262 22.59 27.64 -12.84
N ASN B 263 22.62 28.50 -11.81
CA ASN B 263 22.93 29.93 -11.95
C ASN B 263 21.96 30.69 -12.83
N THR B 264 20.73 30.18 -12.92
CA THR B 264 19.65 30.86 -13.64
C THR B 264 18.59 31.21 -12.61
N ILE B 265 17.87 32.30 -12.89
CA ILE B 265 16.76 32.74 -12.04
C ILE B 265 15.56 31.83 -12.32
N GLU B 266 15.08 31.16 -11.28
CA GLU B 266 13.97 30.20 -11.38
C GLU B 266 13.07 30.37 -10.17
N PRO B 267 11.77 30.05 -10.32
CA PRO B 267 10.92 29.93 -9.16
C PRO B 267 11.22 28.61 -8.47
N LEU B 268 11.74 28.69 -7.25
CA LEU B 268 12.15 27.50 -6.52
C LEU B 268 11.10 27.07 -5.49
N ASP B 269 11.08 25.78 -5.19
CA ASP B 269 10.46 25.29 -3.95
C ASP B 269 11.29 25.82 -2.78
N VAL B 270 10.63 26.30 -1.73
CA VAL B 270 11.28 26.55 -0.45
C VAL B 270 10.62 25.65 0.59
N TRP B 271 11.41 24.84 1.29
CA TRP B 271 10.85 23.92 2.25
C TRP B 271 11.43 24.16 3.65
N ASP B 272 12.14 23.20 4.23
CA ASP B 272 12.61 23.34 5.62
C ASP B 272 13.35 24.65 5.79
N SER B 273 12.97 25.39 6.82
CA SER B 273 13.43 26.76 7.05
C SER B 273 13.54 26.95 8.56
N TRP B 274 14.51 27.76 8.98
CA TRP B 274 14.70 28.08 10.39
C TRP B 274 15.27 29.49 10.59
N PRO B 275 14.83 30.17 11.66
CA PRO B 275 15.32 31.53 11.88
C PRO B 275 16.67 31.52 12.60
N VAL B 276 17.43 32.60 12.45
CA VAL B 276 18.56 32.81 13.31
C VAL B 276 17.95 33.14 14.66
N GLN B 277 18.29 32.33 15.66
CA GLN B 277 17.66 32.39 16.98
C GLN B 277 18.66 32.78 18.05
N ASP B 278 18.15 33.34 19.14
CA ASP B 278 18.93 33.49 20.36
C ASP B 278 19.21 32.10 20.93
N VAL B 279 20.48 31.79 21.13
CA VAL B 279 20.91 30.45 21.55
C VAL B 279 20.39 30.03 22.93
N ARG B 280 20.04 31.00 23.78
CA ARG B 280 19.54 30.70 25.12
C ARG B 280 18.02 30.68 25.20
N THR B 281 17.34 31.62 24.55
CA THR B 281 15.88 31.71 24.65
C THR B 281 15.12 31.11 23.47
N GLY B 282 15.82 30.89 22.35
CA GLY B 282 15.14 30.44 21.12
C GLY B 282 14.31 31.52 20.41
N GLN B 283 14.25 32.73 20.96
CA GLN B 283 13.49 33.81 20.29
C GLN B 283 14.20 34.21 18.98
N VAL B 284 13.43 34.64 17.98
CA VAL B 284 14.00 35.08 16.72
C VAL B 284 14.90 36.28 17.04
N ALA B 285 16.16 36.21 16.62
CA ALA B 285 17.13 37.25 16.94
C ALA B 285 16.90 38.50 16.11
N ASN B 286 17.08 39.64 16.76
CA ASN B 286 17.12 40.91 16.08
C ASN B 286 18.58 41.26 15.75
N TRP B 287 18.94 41.11 14.47
CA TRP B 287 20.29 41.40 14.01
C TRP B 287 20.31 42.77 13.32
N ASN B 288 20.76 43.80 14.04
CA ASN B 288 20.81 45.16 13.53
C ASN B 288 19.50 45.61 12.89
N GLY B 289 18.38 45.27 13.52
CA GLY B 289 17.09 45.66 12.99
C GLY B 289 16.50 44.68 11.99
N TYR B 290 17.22 43.61 11.69
CA TYR B 290 16.72 42.58 10.75
C TYR B 290 16.37 41.27 11.46
N GLN B 291 15.44 40.54 10.86
CA GLN B 291 15.21 39.12 11.17
C GLN B 291 15.80 38.32 10.01
N LEU B 292 16.48 37.22 10.35
CA LEU B 292 17.23 36.44 9.39
C LEU B 292 16.69 35.00 9.38
N VAL B 293 16.58 34.41 8.20
CA VAL B 293 16.12 33.00 8.09
C VAL B 293 16.98 32.25 7.08
N ILE B 294 17.24 30.99 7.39
CA ILE B 294 17.96 30.11 6.49
C ILE B 294 16.95 29.07 6.02
N ALA B 295 16.96 28.81 4.72
CA ALA B 295 15.94 27.97 4.08
C ALA B 295 16.55 27.06 3.04
N MET B 296 16.07 25.82 2.98
CA MET B 296 16.33 24.96 1.82
C MET B 296 15.45 25.40 0.63
N MET B 297 16.05 25.47 -0.55
CA MET B 297 15.31 25.75 -1.77
C MET B 297 15.98 24.99 -2.92
N GLY B 298 15.22 24.79 -3.97
CA GLY B 298 15.72 24.16 -5.17
C GLY B 298 14.64 24.01 -6.22
N ILE B 299 15.07 23.75 -7.46
CA ILE B 299 14.16 23.68 -8.61
C ILE B 299 13.27 22.48 -8.40
N PRO B 300 11.94 22.64 -8.58
CA PRO B 300 11.07 21.47 -8.55
C PRO B 300 11.50 20.37 -9.50
N ASN B 301 11.41 19.13 -9.02
CA ASN B 301 11.76 17.94 -9.82
C ASN B 301 13.22 17.81 -10.21
N GLN B 302 14.12 18.57 -9.59
CA GLN B 302 15.55 18.35 -9.77
C GLN B 302 16.19 18.03 -8.42
N ASN B 303 17.32 17.31 -8.47
CA ASN B 303 18.13 17.07 -7.31
C ASN B 303 18.93 18.34 -7.05
N ASP B 304 18.41 19.17 -6.14
CA ASP B 304 18.92 20.52 -5.98
C ASP B 304 18.71 20.96 -4.54
N ASN B 305 19.53 20.45 -3.64
CA ASN B 305 19.33 20.67 -2.19
C ASN B 305 20.42 21.56 -1.60
N HIS B 306 20.10 22.85 -1.46
CA HIS B 306 21.03 23.86 -0.92
C HIS B 306 20.32 24.89 -0.05
N ILE B 307 21.10 25.55 0.80
CA ILE B 307 20.55 26.49 1.75
C ILE B 307 20.88 27.94 1.39
N TYR B 308 19.88 28.80 1.66
CA TYR B 308 19.84 30.19 1.24
C TYR B 308 19.64 31.06 2.48
N LEU B 309 20.19 32.26 2.43
CA LEU B 309 20.01 33.22 3.52
C LEU B 309 18.98 34.29 3.12
N LEU B 310 17.97 34.45 3.94
CA LEU B 310 16.97 35.48 3.72
C LEU B 310 16.90 36.47 4.86
N TYR B 311 16.40 37.66 4.54
CA TYR B 311 16.22 38.69 5.56
C TYR B 311 14.99 39.53 5.30
N ASN B 312 14.59 40.25 6.35
CA ASN B 312 13.48 41.19 6.32
C ASN B 312 13.70 42.07 7.54
N LYS B 313 13.08 43.25 7.58
CA LYS B 313 13.18 44.08 8.77
C LYS B 313 12.51 43.33 9.92
N TYR B 314 13.09 43.44 11.13
CA TYR B 314 12.55 42.74 12.30
C TYR B 314 11.10 43.14 12.51
N GLY B 315 10.26 42.13 12.72
CA GLY B 315 8.85 42.36 12.99
C GLY B 315 7.95 42.61 11.78
N ASP B 316 8.54 42.85 10.61
CA ASP B 316 7.76 43.03 9.37
C ASP B 316 7.00 41.74 9.12
N ASN B 317 5.78 41.88 8.60
CA ASN B 317 4.83 40.77 8.50
C ASN B 317 4.47 40.32 7.10
N GLU B 318 5.08 40.92 6.08
CA GLU B 318 4.79 40.58 4.69
C GLU B 318 5.76 39.55 4.10
N LEU B 319 5.18 38.49 3.53
CA LEU B 319 5.97 37.46 2.83
C LEU B 319 6.82 38.06 1.73
N SER B 320 6.26 39.03 1.02
CA SER B 320 6.93 39.62 -0.13
C SER B 320 8.01 40.64 0.27
N HIS B 321 8.14 40.97 1.56
CA HIS B 321 9.26 41.82 1.99
C HIS B 321 10.55 41.02 2.26
N TRP B 322 10.47 39.69 2.31
CA TRP B 322 11.67 38.86 2.47
C TRP B 322 12.55 38.97 1.21
N LYS B 323 13.86 39.11 1.41
CA LYS B 323 14.82 39.16 0.32
C LYS B 323 15.85 38.04 0.48
N ASN B 324 16.24 37.46 -0.65
CA ASN B 324 17.16 36.33 -0.67
C ASN B 324 18.58 36.83 -0.90
N VAL B 325 19.47 36.61 0.06
CA VAL B 325 20.87 37.04 -0.07
C VAL B 325 21.55 36.11 -1.06
N GLY B 326 21.05 34.87 -1.14
CA GLY B 326 21.53 33.88 -2.11
C GLY B 326 21.90 32.61 -1.35
N PRO B 327 22.51 31.64 -2.05
CA PRO B 327 22.96 30.42 -1.42
C PRO B 327 24.21 30.65 -0.55
N ILE B 328 24.18 30.12 0.68
CA ILE B 328 25.25 30.34 1.65
C ILE B 328 26.61 29.81 1.17
N PHE B 329 26.62 28.66 0.52
CA PHE B 329 27.86 28.06 0.04
C PHE B 329 28.07 28.32 -1.46
N GLY B 330 27.41 29.35 -1.99
CA GLY B 330 27.75 29.90 -3.29
C GLY B 330 26.99 29.34 -4.48
N TYR B 331 27.20 30.01 -5.62
CA TYR B 331 26.67 29.61 -6.89
C TYR B 331 27.59 28.54 -7.48
N ASN B 332 27.20 27.99 -8.61
CA ASN B 332 27.99 26.93 -9.28
C ASN B 332 28.24 25.73 -8.39
N SER B 333 27.29 25.40 -7.53
CA SER B 333 27.47 24.24 -6.65
C SER B 333 26.97 23.01 -7.40
N THR B 334 27.06 21.83 -6.77
CA THR B 334 26.69 20.57 -7.41
C THR B 334 25.79 19.74 -6.52
N ALA B 335 25.16 18.75 -7.12
CA ALA B 335 24.32 17.79 -6.41
C ALA B 335 25.14 16.80 -5.63
N VAL B 336 26.45 16.76 -5.87
CA VAL B 336 27.29 15.84 -5.16
C VAL B 336 27.52 16.27 -3.72
N SER B 337 27.50 17.59 -3.47
CA SER B 337 27.71 18.11 -2.13
C SER B 337 26.56 19.04 -1.80
N GLN B 338 25.75 18.65 -0.81
CA GLN B 338 24.45 19.27 -0.60
C GLN B 338 24.34 19.77 0.82
N GLU B 339 23.43 20.69 1.06
CA GLU B 339 23.13 21.10 2.43
C GLU B 339 21.67 20.83 2.77
N TRP B 340 21.44 20.12 3.88
CA TRP B 340 20.10 19.97 4.44
C TRP B 340 20.02 20.66 5.81
N SER B 341 18.95 20.40 6.56
CA SER B 341 18.52 21.29 7.61
C SER B 341 19.40 21.33 8.85
N GLY B 342 19.25 22.40 9.60
CA GLY B 342 19.94 22.57 10.87
C GLY B 342 19.34 23.69 11.69
N SER B 343 20.19 24.59 12.17
CA SER B 343 19.76 25.71 12.97
C SER B 343 20.82 26.80 12.88
N ALA B 344 20.55 27.95 13.50
CA ALA B 344 21.48 29.05 13.48
C ALA B 344 21.21 30.01 14.62
N VAL B 345 22.27 30.47 15.26
CA VAL B 345 22.17 31.38 16.37
C VAL B 345 23.17 32.52 16.21
N LEU B 346 23.02 33.55 17.03
CA LEU B 346 24.03 34.61 17.11
C LEU B 346 25.14 34.18 18.04
N ASN B 347 26.38 34.50 17.65
CA ASN B 347 27.51 34.48 18.56
C ASN B 347 27.65 35.83 19.30
N SER B 348 28.52 35.85 20.31
CA SER B 348 28.76 37.05 21.16
C SER B 348 28.98 38.32 20.38
N ASP B 349 29.73 38.22 19.29
CA ASP B 349 30.12 39.35 18.46
C ASP B 349 29.13 39.62 17.31
N ASN B 350 27.95 39.01 17.36
CA ASN B 350 26.95 39.16 16.30
C ASN B 350 27.24 38.51 14.95
N SER B 351 28.25 37.65 14.87
CA SER B 351 28.32 36.73 13.74
C SER B 351 27.25 35.65 13.97
N ILE B 352 26.95 34.89 12.92
CA ILE B 352 25.99 33.81 13.00
C ILE B 352 26.76 32.47 12.99
N GLN B 353 26.44 31.58 13.94
CA GLN B 353 26.95 30.24 13.89
C GLN B 353 25.89 29.35 13.25
N LEU B 354 26.15 28.91 12.03
CA LEU B 354 25.27 28.00 11.32
C LEU B 354 25.59 26.56 11.68
N PHE B 355 24.54 25.80 12.01
CA PHE B 355 24.62 24.36 12.06
C PHE B 355 23.76 23.82 10.93
N TYR B 356 24.30 22.89 10.16
CA TYR B 356 23.55 22.33 9.06
C TYR B 356 23.99 20.91 8.79
N THR B 357 23.37 20.29 7.77
CA THR B 357 23.71 18.93 7.37
C THR B 357 24.47 18.93 6.05
N ARG B 358 25.74 18.54 6.09
CA ARG B 358 26.52 18.37 4.85
C ARG B 358 26.22 16.96 4.36
N VAL B 359 25.85 16.84 3.10
CA VAL B 359 25.44 15.57 2.52
C VAL B 359 26.27 15.36 1.26
N ASP B 360 27.07 14.31 1.28
CA ASP B 360 28.02 13.99 0.22
C ASP B 360 27.44 12.76 -0.50
N THR B 361 27.18 12.86 -1.80
CA THR B 361 26.56 11.75 -2.52
C THR B 361 27.52 11.03 -3.47
N SER B 362 28.84 11.22 -3.29
CA SER B 362 29.84 10.63 -4.18
C SER B 362 29.97 9.10 -4.06
N ASP B 363 29.56 8.50 -2.93
CA ASP B 363 29.59 7.03 -2.80
C ASP B 363 28.29 6.41 -3.36
N ASN B 364 28.27 6.24 -4.68
CA ASN B 364 27.16 5.63 -5.34
C ASN B 364 25.81 6.28 -5.00
N ASN B 365 25.81 7.61 -4.94
CA ASN B 365 24.60 8.39 -4.74
C ASN B 365 23.89 8.20 -3.40
N THR B 366 24.58 7.71 -2.38
CA THR B 366 23.95 7.59 -1.08
C THR B 366 23.88 8.96 -0.43
N ASN B 367 22.92 9.14 0.48
CA ASN B 367 22.80 10.36 1.25
C ASN B 367 23.64 10.30 2.54
N HIS B 368 24.95 10.40 2.36
CA HIS B 368 25.89 10.36 3.49
C HIS B 368 25.83 11.71 4.19
N GLN B 369 25.09 11.75 5.29
CA GLN B 369 24.85 12.97 6.04
C GLN B 369 25.84 13.18 7.17
N LYS B 370 26.21 14.44 7.38
CA LYS B 370 27.09 14.82 8.46
C LYS B 370 26.62 16.14 9.07
N ILE B 371 26.63 16.23 10.39
CA ILE B 371 26.36 17.50 11.04
C ILE B 371 27.59 18.37 10.91
N ALA B 372 27.41 19.55 10.31
CA ALA B 372 28.47 20.50 10.07
C ALA B 372 28.14 21.85 10.67
N SER B 373 29.17 22.69 10.83
CA SER B 373 28.97 24.06 11.25
C SER B 373 29.95 25.02 10.58
N ALA B 374 29.47 26.25 10.35
CA ALA B 374 30.26 27.34 9.80
C ALA B 374 29.85 28.65 10.46
N THR B 375 30.79 29.59 10.55
CA THR B 375 30.50 30.91 11.06
C THR B 375 30.15 31.82 9.86
N LEU B 376 29.07 32.60 10.00
CA LEU B 376 28.68 33.56 8.95
C LEU B 376 28.85 35.00 9.40
N TYR B 377 29.54 35.78 8.59
CA TYR B 377 29.73 37.21 8.86
C TYR B 377 28.93 37.99 7.84
N LEU B 378 28.00 38.81 8.34
CA LEU B 378 27.12 39.57 7.46
C LEU B 378 27.45 41.04 7.49
N THR B 379 27.11 41.73 6.40
CA THR B 379 27.21 43.18 6.39
C THR B 379 25.87 43.82 6.05
N ASP B 380 25.64 44.96 6.66
CA ASP B 380 24.42 45.73 6.56
C ASP B 380 24.79 47.02 5.84
N ASN B 381 24.30 47.17 4.62
CA ASN B 381 24.55 48.38 3.85
C ASN B 381 23.25 48.88 3.23
N ASN B 382 22.82 50.07 3.64
CA ASN B 382 21.74 50.77 2.96
C ASN B 382 20.42 49.99 2.89
N GLY B 383 20.07 49.30 3.99
CA GLY B 383 18.84 48.48 4.01
C GLY B 383 19.01 47.07 3.46
N ASN B 384 20.18 46.78 2.92
CA ASN B 384 20.49 45.48 2.32
C ASN B 384 21.51 44.72 3.14
N VAL B 385 21.19 43.45 3.40
CA VAL B 385 22.08 42.54 4.10
C VAL B 385 22.88 41.75 3.07
N SER B 386 24.17 41.63 3.31
CA SER B 386 25.05 40.80 2.47
C SER B 386 25.79 39.79 3.28
N LEU B 387 26.17 38.70 2.61
CA LEU B 387 27.00 37.67 3.21
C LEU B 387 28.45 38.01 2.90
N ALA B 388 29.20 38.48 3.90
CA ALA B 388 30.58 38.90 3.69
C ALA B 388 31.54 37.72 3.73
N GLN B 389 31.31 36.77 4.64
CA GLN B 389 32.21 35.62 4.73
C GLN B 389 31.56 34.41 5.40
N VAL B 390 31.97 33.23 4.93
CA VAL B 390 31.63 31.95 5.53
C VAL B 390 32.94 31.36 5.95
N ALA B 391 33.09 31.06 7.22
CA ALA B 391 34.39 30.72 7.75
C ALA B 391 34.36 29.49 8.63
N ASN B 392 35.47 28.74 8.60
CA ASN B 392 35.66 27.60 9.50
C ASN B 392 34.56 26.51 9.30
N ASP B 393 34.18 26.27 8.05
CA ASP B 393 33.22 25.19 7.73
C ASP B 393 33.86 23.84 8.00
N HIS B 394 33.22 23.03 8.86
CA HIS B 394 33.78 21.75 9.20
C HIS B 394 32.71 20.80 9.74
N ILE B 395 33.07 19.52 9.77
CA ILE B 395 32.21 18.47 10.27
C ILE B 395 32.29 18.45 11.79
N VAL B 396 31.14 18.44 12.45
CA VAL B 396 31.09 18.38 13.90
C VAL B 396 30.87 16.95 14.36
N PHE B 397 29.91 16.25 13.75
CA PHE B 397 29.55 14.91 14.18
C PHE B 397 28.92 14.13 13.04
N GLU B 398 29.26 12.86 12.93
CA GLU B 398 28.54 11.99 12.01
C GLU B 398 28.26 10.62 12.57
N GLY B 399 28.24 10.50 13.89
CA GLY B 399 27.89 9.25 14.56
C GLY B 399 29.11 8.58 15.17
N ASP B 400 28.89 7.85 16.25
CA ASP B 400 29.97 7.17 16.98
C ASP B 400 29.92 5.65 16.85
N GLY B 401 28.74 5.09 16.59
CA GLY B 401 28.58 3.64 16.45
C GLY B 401 27.92 2.99 17.66
N TYR B 402 28.02 3.61 18.82
CA TYR B 402 27.34 3.10 20.02
C TYR B 402 26.00 3.83 20.29
N TYR B 403 26.07 5.12 20.61
CA TYR B 403 24.87 5.91 20.83
C TYR B 403 24.13 6.10 19.52
N TYR B 404 24.88 6.36 18.45
CA TYR B 404 24.26 6.68 17.16
C TYR B 404 24.93 5.94 16.00
N GLN B 405 24.09 5.50 15.07
CA GLN B 405 24.53 4.76 13.89
C GLN B 405 25.42 5.61 12.99
N THR B 406 26.51 5.01 12.50
CA THR B 406 27.43 5.66 11.57
C THR B 406 27.09 5.29 10.13
N TYR B 407 27.63 6.05 9.19
CA TYR B 407 27.51 5.73 7.78
C TYR B 407 28.06 4.33 7.46
N ASP B 408 29.22 3.98 8.02
CA ASP B 408 29.84 2.67 7.76
C ASP B 408 28.92 1.54 8.23
N GLN B 409 28.30 1.69 9.39
CA GLN B 409 27.37 0.67 9.92
C GLN B 409 26.18 0.50 9.00
N TRP B 410 25.61 1.63 8.58
CA TRP B 410 24.49 1.62 7.67
C TRP B 410 24.88 0.90 6.39
N LYS B 411 26.03 1.28 5.85
CA LYS B 411 26.52 0.72 4.59
C LYS B 411 26.71 -0.79 4.69
N ALA B 412 27.31 -1.23 5.80
CA ALA B 412 27.62 -2.63 6.00
C ALA B 412 26.38 -3.51 5.80
N THR B 413 25.22 -3.11 6.34
CA THR B 413 24.03 -3.97 6.32
C THR B 413 22.95 -3.60 5.30
N ASN B 414 22.99 -2.41 4.72
CA ASN B 414 21.85 -1.96 3.94
C ASN B 414 21.64 -2.75 2.65
N LYS B 415 20.43 -3.28 2.48
CA LYS B 415 20.00 -3.91 1.24
C LYS B 415 18.81 -3.16 0.64
N GLY B 416 18.52 -1.95 1.16
CA GLY B 416 17.47 -1.09 0.62
C GLY B 416 16.37 -0.75 1.61
N ALA B 417 16.38 -1.38 2.80
CA ALA B 417 15.32 -1.14 3.78
C ALA B 417 15.74 -0.22 4.94
N ASP B 418 17.00 0.17 5.02
CA ASP B 418 17.44 0.92 6.19
C ASP B 418 17.59 2.39 5.88
N ASN B 419 17.06 3.23 6.76
CA ASN B 419 17.18 4.66 6.58
C ASN B 419 18.57 5.07 7.06
N ILE B 420 19.07 6.16 6.52
CA ILE B 420 20.25 6.79 7.05
C ILE B 420 19.87 8.20 7.50
N ALA B 421 20.30 8.55 8.72
CA ALA B 421 19.94 9.83 9.33
C ALA B 421 21.04 10.32 10.25
N MET B 422 21.53 11.51 9.96
CA MET B 422 22.51 12.16 10.82
C MET B 422 22.40 13.64 10.44
N ARG B 423 21.38 14.32 10.98
CA ARG B 423 20.98 15.60 10.41
C ARG B 423 20.16 16.46 11.36
N ASP B 424 19.73 17.61 10.87
CA ASP B 424 18.74 18.44 11.55
C ASP B 424 19.20 18.84 12.96
N ALA B 425 20.42 19.33 13.06
CA ALA B 425 21.01 19.64 14.35
C ALA B 425 20.44 20.95 14.86
N HIS B 426 19.81 20.89 16.05
CA HIS B 426 19.29 22.07 16.77
C HIS B 426 20.25 22.49 17.91
N VAL B 427 20.84 23.68 17.79
CA VAL B 427 21.76 24.16 18.83
C VAL B 427 21.00 24.94 19.92
N ILE B 428 21.36 24.68 21.17
CA ILE B 428 20.73 25.36 22.32
C ILE B 428 21.71 25.40 23.49
N GLU B 429 21.75 26.53 24.22
CA GLU B 429 22.63 26.70 25.38
C GLU B 429 21.81 26.64 26.66
N ASP B 430 22.23 25.83 27.61
CA ASP B 430 21.52 25.68 28.89
C ASP B 430 21.87 26.83 29.83
N ASP B 431 21.38 26.76 31.06
CA ASP B 431 21.65 27.80 32.06
C ASP B 431 23.11 27.82 32.55
N ASN B 432 23.83 26.72 32.38
CA ASN B 432 25.24 26.64 32.81
C ASN B 432 26.28 27.18 31.83
N GLY B 433 25.83 27.65 30.66
CA GLY B 433 26.73 28.13 29.60
C GLY B 433 27.17 27.09 28.58
N ASP B 434 26.66 25.87 28.69
CA ASP B 434 27.01 24.77 27.76
C ASP B 434 26.09 24.78 26.53
N ARG B 435 26.66 24.85 25.32
CA ARG B 435 25.89 24.56 24.11
C ARG B 435 25.77 23.05 23.86
N TYR B 436 24.56 22.64 23.52
CA TYR B 436 24.27 21.27 23.05
C TYR B 436 23.71 21.31 21.64
N LEU B 437 23.89 20.19 20.92
CA LEU B 437 23.12 19.90 19.70
C LEU B 437 22.17 18.75 20.00
N VAL B 438 20.92 18.96 19.60
CA VAL B 438 19.88 17.94 19.63
C VAL B 438 19.57 17.71 18.16
N PHE B 439 19.62 16.45 17.73
CA PHE B 439 19.64 16.11 16.30
C PHE B 439 18.91 14.81 15.94
N GLU B 440 18.64 14.65 14.65
CA GLU B 440 18.04 13.45 14.14
C GLU B 440 19.13 12.43 13.83
N ALA B 441 19.01 11.25 14.42
CA ALA B 441 19.89 10.12 14.09
C ALA B 441 19.12 8.81 14.16
N SER B 442 19.86 7.71 14.11
CA SER B 442 19.37 6.38 14.43
C SER B 442 20.24 5.85 15.57
N THR B 443 19.70 4.92 16.37
CA THR B 443 20.47 4.36 17.49
C THR B 443 21.65 3.54 16.98
N GLY B 444 22.68 3.43 17.81
CA GLY B 444 23.84 2.60 17.50
C GLY B 444 23.77 1.33 18.35
N LEU B 445 24.93 0.71 18.57
CA LEU B 445 24.99 -0.59 19.27
C LEU B 445 24.49 -0.55 20.71
N GLU B 446 24.28 0.65 21.27
CA GLU B 446 23.62 0.78 22.57
C GLU B 446 22.24 0.11 22.62
N ASN B 447 21.50 0.17 21.52
CA ASN B 447 20.17 -0.47 21.40
C ASN B 447 19.80 -0.48 19.94
N TYR B 448 20.46 -1.35 19.22
CA TYR B 448 20.50 -1.26 17.79
C TYR B 448 19.27 -1.88 17.14
N GLN B 449 18.99 -1.48 15.91
CA GLN B 449 17.98 -2.13 15.09
C GLN B 449 18.25 -3.62 14.93
N GLY B 450 17.22 -4.36 14.53
CA GLY B 450 17.32 -5.79 14.31
C GLY B 450 15.98 -6.47 14.51
N GLU B 451 15.85 -7.69 13.97
CA GLU B 451 14.65 -8.50 14.20
C GLU B 451 14.42 -8.74 15.69
N ASP B 452 15.50 -8.75 16.47
CA ASP B 452 15.36 -8.89 17.92
C ASP B 452 14.50 -7.83 18.58
N GLN B 453 14.46 -6.64 17.99
CA GLN B 453 13.62 -5.58 18.55
C GLN B 453 12.14 -5.97 18.53
N ILE B 454 11.73 -6.83 17.61
CA ILE B 454 10.36 -7.35 17.62
C ILE B 454 10.08 -8.14 18.90
N TYR B 455 11.13 -8.75 19.44
CA TYR B 455 10.98 -9.57 20.63
C TYR B 455 11.47 -8.87 21.90
N ASN B 456 11.39 -7.54 21.91
CA ASN B 456 11.62 -6.76 23.12
C ASN B 456 10.34 -6.10 23.57
N TRP B 457 9.80 -6.58 24.70
CA TRP B 457 8.47 -6.21 25.15
C TRP B 457 8.27 -4.71 25.40
N LEU B 458 9.28 -4.02 25.92
CA LEU B 458 9.11 -2.59 26.22
C LEU B 458 8.93 -1.69 24.97
N ASN B 459 9.11 -2.23 23.78
CA ASN B 459 8.88 -1.46 22.56
C ASN B 459 7.40 -1.29 22.28
N TYR B 460 6.58 -2.15 22.92
CA TYR B 460 5.17 -2.23 22.60
C TYR B 460 4.38 -1.19 23.36
N GLY B 461 4.50 -1.20 24.69
CA GLY B 461 3.98 -0.13 25.55
C GLY B 461 2.48 -0.07 25.74
N GLY B 462 1.72 -1.07 25.25
CA GLY B 462 0.28 -1.13 25.51
C GLY B 462 -0.04 -2.11 26.63
N ASP B 463 -1.30 -2.45 26.81
CA ASP B 463 -1.63 -3.46 27.81
C ASP B 463 -1.10 -4.80 27.26
N ASP B 464 -1.57 -5.91 27.81
CA ASP B 464 -1.15 -7.22 27.32
C ASP B 464 -1.84 -7.61 26.01
N ALA B 465 -3.12 -7.33 25.90
CA ALA B 465 -3.90 -7.62 24.70
C ALA B 465 -3.39 -6.83 23.49
N PHE B 466 -3.14 -5.55 23.68
CA PHE B 466 -2.57 -4.75 22.59
C PHE B 466 -1.19 -5.28 22.18
N ASN B 467 -0.33 -5.53 23.16
CA ASN B 467 1.02 -6.01 22.86
C ASN B 467 1.03 -7.33 22.07
N ILE B 468 0.22 -8.29 22.50
CA ILE B 468 0.19 -9.61 21.86
C ILE B 468 -0.35 -9.49 20.43
N LYS B 469 -1.50 -8.83 20.31
CA LYS B 469 -2.12 -8.50 19.00
C LYS B 469 -1.09 -7.84 18.04
N SER B 470 -0.36 -6.87 18.57
CA SER B 470 0.67 -6.19 17.81
C SER B 470 1.78 -7.15 17.37
N LEU B 471 2.28 -7.95 18.30
CA LEU B 471 3.33 -8.91 17.98
C LEU B 471 2.92 -9.83 16.83
N PHE B 472 1.72 -10.40 16.93
CA PHE B 472 1.25 -11.36 15.93
C PHE B 472 1.02 -10.70 14.57
N ARG B 473 0.58 -9.45 14.58
CA ARG B 473 0.38 -8.70 13.35
C ARG B 473 1.72 -8.40 12.67
N ILE B 474 2.67 -7.92 13.46
CA ILE B 474 4.02 -7.67 12.94
C ILE B 474 4.59 -8.94 12.29
N LEU B 475 4.46 -10.07 12.98
CA LEU B 475 4.96 -11.33 12.41
C LEU B 475 4.16 -11.85 11.23
N SER B 476 2.88 -11.48 11.10
CA SER B 476 2.05 -12.00 10.00
C SER B 476 2.22 -11.25 8.66
N ASN B 477 3.04 -10.20 8.63
CA ASN B 477 3.13 -9.30 7.47
C ASN B 477 4.58 -8.97 7.20
N ASP B 478 5.04 -9.36 6.01
CA ASP B 478 6.45 -9.20 5.68
C ASP B 478 6.90 -7.74 5.64
N ASP B 479 6.01 -6.84 5.24
CA ASP B 479 6.40 -5.44 5.17
C ASP B 479 6.57 -4.88 6.58
N ILE B 480 5.60 -5.19 7.45
CA ILE B 480 5.60 -4.69 8.83
C ILE B 480 6.80 -5.28 9.56
N LYS B 481 7.01 -6.59 9.40
CA LYS B 481 8.16 -7.27 10.01
C LYS B 481 9.48 -6.64 9.58
N SER B 482 9.63 -6.41 8.30
CA SER B 482 10.82 -5.77 7.78
C SER B 482 11.03 -4.36 8.37
N ARG B 483 10.01 -3.51 8.29
CA ARG B 483 10.11 -2.18 8.90
C ARG B 483 10.50 -2.24 10.36
N ALA B 484 9.84 -3.12 11.11
CA ALA B 484 10.12 -3.27 12.54
C ALA B 484 11.59 -3.65 12.79
N THR B 485 12.09 -4.51 11.91
CA THR B 485 13.46 -5.03 11.93
C THR B 485 14.52 -3.96 11.69
N TRP B 486 14.17 -2.93 10.92
CA TRP B 486 15.08 -1.85 10.58
C TRP B 486 14.83 -0.52 11.33
N ALA B 487 13.70 -0.40 12.03
CA ALA B 487 13.32 0.88 12.69
C ALA B 487 14.10 1.16 14.00
N ASN B 488 14.76 2.30 14.04
CA ASN B 488 15.50 2.72 15.23
C ASN B 488 15.87 4.22 15.21
N ALA B 489 14.88 5.04 14.85
CA ALA B 489 15.04 6.48 14.89
C ALA B 489 15.37 6.93 16.30
N ALA B 490 16.18 7.97 16.37
CA ALA B 490 16.58 8.58 17.63
C ALA B 490 16.58 10.11 17.51
N ILE B 491 16.20 10.80 18.58
CA ILE B 491 16.51 12.21 18.74
C ILE B 491 17.70 12.26 19.69
N GLY B 492 18.86 12.57 19.13
CA GLY B 492 20.09 12.50 19.87
C GLY B 492 20.45 13.83 20.52
N ILE B 493 21.40 13.78 21.44
CA ILE B 493 21.89 14.98 22.13
C ILE B 493 23.38 14.80 22.38
N LEU B 494 24.12 15.88 22.17
CA LEU B 494 25.54 15.94 22.52
C LEU B 494 25.86 17.32 23.08
N LYS B 495 26.91 17.39 23.88
CA LYS B 495 27.41 18.67 24.38
C LYS B 495 28.61 19.07 23.54
N LEU B 496 28.63 20.35 23.15
CA LEU B 496 29.76 20.92 22.40
C LEU B 496 30.79 21.48 23.34
N ASN B 497 31.99 21.76 22.85
CA ASN B 497 33.02 22.44 23.63
C ASN B 497 32.65 23.92 23.81
N LYS B 498 33.49 24.70 24.51
CA LYS B 498 33.14 26.09 24.83
C LYS B 498 33.45 27.13 23.73
N ASP B 499 34.03 26.71 22.61
CA ASP B 499 34.41 27.63 21.54
C ASP B 499 33.24 27.82 20.57
N GLU B 500 32.60 28.99 20.63
CA GLU B 500 31.40 29.26 19.85
C GLU B 500 31.59 29.15 18.33
N LYS B 501 32.74 29.60 17.81
CA LYS B 501 32.98 29.60 16.37
C LYS B 501 33.70 28.34 15.85
N ASN B 502 34.15 27.47 16.76
CA ASN B 502 34.84 26.24 16.39
C ASN B 502 34.20 25.02 17.05
N PRO B 503 32.89 24.84 16.85
CA PRO B 503 32.24 23.78 17.60
C PRO B 503 32.83 22.40 17.32
N LYS B 504 33.02 21.65 18.40
CA LYS B 504 33.47 20.27 18.37
C LYS B 504 32.74 19.56 19.49
N VAL B 505 32.58 18.25 19.36
CA VAL B 505 31.91 17.46 20.38
C VAL B 505 32.79 17.43 21.63
N ALA B 506 32.18 17.72 22.78
CA ALA B 506 32.80 17.56 24.08
C ALA B 506 32.33 16.24 24.72
N GLU B 507 31.03 15.96 24.63
CA GLU B 507 30.47 14.74 25.19
C GLU B 507 29.24 14.25 24.43
N LEU B 508 29.12 12.94 24.31
CA LEU B 508 27.96 12.28 23.72
C LEU B 508 27.08 11.68 24.79
N TYR B 509 25.79 11.56 24.50
CA TYR B 509 24.87 10.91 25.42
C TYR B 509 23.95 9.99 24.66
N SER B 510 23.25 9.16 25.42
CA SER B 510 22.12 8.38 24.95
C SER B 510 21.01 9.27 24.39
N PRO B 511 20.27 8.78 23.39
CA PRO B 511 19.13 9.53 22.82
C PRO B 511 18.14 10.02 23.85
N LEU B 512 17.61 11.22 23.64
CA LEU B 512 16.54 11.75 24.46
C LEU B 512 15.25 10.98 24.16
N ILE B 513 15.07 10.67 22.87
CA ILE B 513 13.92 9.90 22.40
C ILE B 513 14.43 8.90 21.39
N SER B 514 13.87 7.70 21.42
CA SER B 514 14.13 6.72 20.37
C SER B 514 12.91 5.87 20.04
N ALA B 515 12.89 5.31 18.85
CA ALA B 515 11.75 4.49 18.45
C ALA B 515 12.16 3.16 17.85
N PRO B 516 12.98 2.36 18.58
CA PRO B 516 13.25 1.00 18.16
C PRO B 516 11.94 0.26 17.87
N MET B 517 11.89 -0.44 16.72
CA MET B 517 10.74 -1.24 16.27
C MET B 517 9.59 -0.45 15.63
N VAL B 518 9.58 0.86 15.83
CA VAL B 518 8.39 1.68 15.63
C VAL B 518 8.52 2.64 14.43
N SER B 519 9.60 3.42 14.35
CA SER B 519 9.81 4.31 13.21
C SER B 519 11.29 4.41 12.91
N ASP B 520 11.62 4.55 11.62
CA ASP B 520 12.98 4.85 11.25
C ASP B 520 13.15 6.30 10.79
N GLU B 521 12.22 7.19 11.13
CA GLU B 521 12.40 8.62 10.74
C GLU B 521 11.58 9.60 11.56
N ILE B 522 12.27 10.40 12.37
CA ILE B 522 11.67 11.47 13.17
C ILE B 522 12.58 12.69 13.03
N GLU B 523 11.99 13.78 12.53
CA GLU B 523 12.75 14.84 11.91
C GLU B 523 12.63 16.18 12.67
N ARG B 524 13.56 17.08 12.37
CA ARG B 524 13.51 18.47 12.83
C ARG B 524 13.29 18.61 14.34
N PRO B 525 14.11 17.91 15.15
CA PRO B 525 13.94 18.04 16.59
C PRO B 525 14.20 19.48 17.00
N ASN B 526 13.50 19.90 18.04
CA ASN B 526 13.44 21.28 18.41
C ASN B 526 13.16 21.37 19.90
N VAL B 527 13.97 22.13 20.61
CA VAL B 527 13.79 22.29 22.04
C VAL B 527 13.38 23.72 22.28
N VAL B 528 12.26 23.90 22.98
CA VAL B 528 11.88 25.24 23.44
C VAL B 528 11.68 25.28 24.94
N LYS B 529 12.40 26.22 25.54
CA LYS B 529 12.37 26.47 26.96
C LYS B 529 11.14 27.32 27.23
N LEU B 530 10.24 26.84 28.09
CA LEU B 530 9.06 27.59 28.48
C LEU B 530 8.95 27.48 29.97
N GLY B 531 8.90 28.63 30.64
CA GLY B 531 9.11 28.70 32.08
C GLY B 531 10.41 28.03 32.46
N ASN B 532 10.32 27.03 33.32
CA ASN B 532 11.47 26.29 33.80
C ASN B 532 11.57 24.89 33.19
N LYS B 533 10.73 24.61 32.19
CA LYS B 533 10.68 23.30 31.54
C LYS B 533 11.23 23.35 30.11
N TYR B 534 11.57 22.17 29.60
CA TYR B 534 12.13 22.01 28.26
C TYR B 534 11.19 21.13 27.43
N TYR B 535 10.74 21.69 26.31
CA TYR B 535 9.83 21.01 25.41
C TYR B 535 10.58 20.56 24.17
N LEU B 536 10.47 19.28 23.88
CA LEU B 536 11.10 18.69 22.71
C LEU B 536 10.00 18.37 21.70
N PHE B 537 10.10 18.98 20.52
CA PHE B 537 9.15 18.75 19.45
C PHE B 537 9.88 18.14 18.26
N ALA B 538 9.16 17.38 17.45
CA ALA B 538 9.72 16.85 16.23
C ALA B 538 8.61 16.62 15.23
N ALA B 539 8.96 16.66 13.95
CA ALA B 539 8.02 16.32 12.91
C ALA B 539 8.28 14.90 12.48
N THR B 540 7.21 14.23 12.08
CA THR B 540 7.35 12.90 11.50
C THR B 540 6.26 12.64 10.46
N ARG B 541 6.60 11.85 9.46
CA ARG B 541 5.64 11.31 8.52
C ARG B 541 5.30 9.90 9.02
N LEU B 542 4.05 9.67 9.37
CA LEU B 542 3.70 8.35 9.95
C LEU B 542 3.91 7.18 8.97
N ASN B 543 4.04 7.45 7.66
CA ASN B 543 4.35 6.38 6.73
C ASN B 543 5.80 5.92 6.75
N ARG B 544 6.63 6.52 7.61
CA ARG B 544 7.95 5.99 7.89
C ARG B 544 7.93 5.05 9.10
N GLY B 545 6.75 4.81 9.67
CA GLY B 545 6.57 3.87 10.77
C GLY B 545 6.33 2.42 10.34
N SER B 546 6.54 1.48 11.26
CA SER B 546 6.34 0.06 10.96
C SER B 546 4.87 -0.34 10.89
N ASN B 547 4.03 0.37 11.63
CA ASN B 547 2.61 0.04 11.68
C ASN B 547 1.86 0.50 10.42
N ASP B 548 1.96 -0.34 9.39
CA ASP B 548 1.33 -0.08 8.10
C ASP B 548 -0.18 0.18 8.21
N ASP B 549 -0.86 -0.58 9.06
CA ASP B 549 -2.30 -0.40 9.24
C ASP B 549 -2.61 1.02 9.69
N ALA B 550 -1.86 1.51 10.67
CA ALA B 550 -2.06 2.82 11.24
C ALA B 550 -1.90 3.93 10.20
N TRP B 551 -0.82 3.88 9.43
CA TRP B 551 -0.61 4.98 8.47
C TRP B 551 -1.43 4.88 7.21
N MET B 552 -1.76 3.66 6.80
CA MET B 552 -2.67 3.49 5.66
C MET B 552 -4.07 4.00 6.02
N ASN B 553 -4.53 3.70 7.24
CA ASN B 553 -5.78 4.27 7.75
C ASN B 553 -5.73 5.79 7.85
N ALA B 554 -4.58 6.33 8.22
CA ALA B 554 -4.42 7.78 8.27
C ALA B 554 -4.64 8.36 6.87
N ASN B 555 -4.05 7.71 5.87
CA ASN B 555 -4.15 8.13 4.48
C ASN B 555 -5.60 8.06 3.99
N TYR B 556 -6.30 7.02 4.41
CA TYR B 556 -7.71 6.83 4.06
C TYR B 556 -8.54 7.96 4.65
N ALA B 557 -8.32 8.24 5.93
CA ALA B 557 -9.17 9.17 6.65
C ALA B 557 -8.93 10.64 6.27
N VAL B 558 -7.68 11.01 6.02
CA VAL B 558 -7.30 12.43 5.87
C VAL B 558 -6.63 12.74 4.54
N GLY B 559 -5.96 11.74 3.95
CA GLY B 559 -5.20 11.89 2.73
C GLY B 559 -3.75 12.30 2.98
N ASP B 560 -3.35 12.28 4.25
CA ASP B 560 -1.96 12.51 4.62
C ASP B 560 -1.74 11.84 5.98
N ASN B 561 -0.48 11.85 6.42
CA ASN B 561 -0.05 11.11 7.61
C ASN B 561 1.06 11.83 8.42
N VAL B 562 1.14 13.16 8.26
CA VAL B 562 2.17 13.93 8.95
C VAL B 562 1.67 14.37 10.32
N ALA B 563 2.63 14.58 11.21
CA ALA B 563 2.38 14.97 12.58
C ALA B 563 3.56 15.74 13.17
N MET B 564 3.30 16.51 14.22
CA MET B 564 4.33 16.97 15.13
C MET B 564 4.07 16.29 16.47
N VAL B 565 5.12 15.74 17.05
CA VAL B 565 5.04 15.16 18.38
C VAL B 565 5.79 16.04 19.36
N GLY B 566 5.56 15.78 20.65
CA GLY B 566 6.17 16.60 21.67
C GLY B 566 6.27 15.96 23.03
N TYR B 567 7.29 16.39 23.76
CA TYR B 567 7.64 15.84 25.07
C TYR B 567 8.11 16.98 25.99
N VAL B 568 8.07 16.74 27.29
CA VAL B 568 8.50 17.73 28.27
C VAL B 568 9.43 17.10 29.31
N ALA B 569 10.45 17.85 29.72
CA ALA B 569 11.38 17.46 30.78
C ALA B 569 11.69 18.68 31.67
N ASP B 570 12.12 18.40 32.90
CA ASP B 570 12.52 19.40 33.88
C ASP B 570 13.91 19.95 33.64
N SER B 571 14.67 19.32 32.74
CA SER B 571 16.01 19.79 32.40
C SER B 571 16.35 19.38 30.96
N LEU B 572 17.23 20.14 30.33
CA LEU B 572 17.60 19.91 28.93
C LEU B 572 17.92 18.44 28.61
N THR B 573 18.74 17.83 29.45
CA THR B 573 19.16 16.42 29.29
C THR B 573 18.32 15.40 30.09
N GLY B 574 17.24 15.87 30.71
CA GLY B 574 16.50 15.05 31.70
C GLY B 574 15.63 14.04 31.00
N SER B 575 14.71 13.45 31.75
CA SER B 575 13.79 12.49 31.19
C SER B 575 12.60 13.22 30.53
N TYR B 576 12.44 13.05 29.21
CA TYR B 576 11.29 13.63 28.49
C TYR B 576 10.06 12.75 28.56
N LYS B 577 8.92 13.35 28.86
CA LYS B 577 7.64 12.63 28.95
C LYS B 577 6.68 13.15 27.89
N PRO B 578 5.95 12.25 27.24
CA PRO B 578 5.16 12.68 26.08
C PRO B 578 4.04 13.63 26.48
N LEU B 579 3.73 14.56 25.60
CA LEU B 579 2.57 15.42 25.76
C LEU B 579 1.29 14.71 25.28
N ASN B 580 0.15 15.13 25.82
CA ASN B 580 -1.16 14.56 25.43
C ASN B 580 -1.12 13.03 25.43
N ASP B 581 -0.44 12.47 26.43
CA ASP B 581 -0.33 11.01 26.64
CA ASP B 581 -0.38 11.01 26.63
C ASP B 581 0.57 10.28 25.65
N SER B 582 0.30 10.39 24.36
CA SER B 582 1.00 9.60 23.34
C SER B 582 2.19 10.30 22.70
N GLY B 583 2.25 11.61 22.88
CA GLY B 583 3.24 12.42 22.16
C GLY B 583 2.65 13.27 21.05
N VAL B 584 1.41 13.00 20.63
CA VAL B 584 0.75 13.77 19.59
C VAL B 584 0.60 15.24 20.00
N VAL B 585 0.90 16.14 19.07
CA VAL B 585 0.69 17.59 19.29
C VAL B 585 -0.06 18.18 18.10
N LEU B 586 0.44 17.93 16.89
CA LEU B 586 -0.24 18.35 15.66
C LEU B 586 -0.53 17.18 14.72
N THR B 587 -1.67 17.23 14.05
CA THR B 587 -1.96 16.19 13.06
C THR B 587 -2.40 16.83 11.74
N ALA B 588 -2.06 16.14 10.65
CA ALA B 588 -2.45 16.54 9.32
C ALA B 588 -3.96 16.73 9.23
N SER B 589 -4.39 17.73 8.48
CA SER B 589 -5.81 18.00 8.35
C SER B 589 -6.32 18.00 6.91
N VAL B 590 -5.42 18.01 5.94
CA VAL B 590 -5.79 18.00 4.53
C VAL B 590 -4.89 17.05 3.72
N PRO B 591 -5.37 16.65 2.52
CA PRO B 591 -4.59 15.70 1.71
C PRO B 591 -3.23 16.26 1.32
N ALA B 592 -2.25 15.37 1.24
CA ALA B 592 -0.85 15.75 1.03
C ALA B 592 -0.63 16.43 -0.32
N ASN B 593 -1.51 16.16 -1.30
CA ASN B 593 -1.42 16.83 -2.61
C ASN B 593 -2.18 18.16 -2.76
N TRP B 594 -2.77 18.69 -1.70
CA TRP B 594 -3.46 19.97 -1.81
C TRP B 594 -2.49 21.11 -1.62
N ARG B 595 -2.86 22.27 -2.17
CA ARG B 595 -2.06 23.48 -2.00
C ARG B 595 -1.72 23.76 -0.54
N THR B 596 -2.69 23.58 0.35
CA THR B 596 -2.55 23.92 1.77
C THR B 596 -1.99 22.83 2.68
N ALA B 597 -1.51 21.74 2.09
CA ALA B 597 -0.73 20.73 2.86
C ALA B 597 0.51 21.36 3.47
N THR B 598 0.93 20.84 4.62
CA THR B 598 2.06 21.37 5.35
C THR B 598 2.95 20.26 5.87
N TYR B 599 4.19 20.61 6.17
CA TYR B 599 5.12 19.75 6.89
C TYR B 599 6.26 20.58 7.49
N SER B 600 7.10 19.93 8.31
CA SER B 600 8.25 20.53 8.97
C SER B 600 7.84 21.64 9.93
N TYR B 601 6.83 21.33 10.71
CA TYR B 601 6.39 22.15 11.83
C TYR B 601 7.60 22.44 12.71
N TYR B 602 7.77 23.72 13.01
CA TYR B 602 8.87 24.20 13.81
C TYR B 602 8.38 25.32 14.71
N ALA B 603 8.28 25.00 15.99
CA ALA B 603 7.79 25.92 17.00
C ALA B 603 8.84 26.97 17.42
N VAL B 604 8.40 28.22 17.47
CA VAL B 604 9.22 29.32 17.93
C VAL B 604 8.58 29.95 19.18
N PRO B 605 9.40 30.32 20.17
CA PRO B 605 8.82 30.93 21.35
C PRO B 605 8.20 32.29 21.04
N VAL B 606 7.35 32.75 21.96
CA VAL B 606 6.63 34.00 21.83
C VAL B 606 7.07 34.89 22.98
N ALA B 607 7.59 36.07 22.66
CA ALA B 607 8.08 36.99 23.67
C ALA B 607 7.01 37.25 24.75
N GLY B 608 7.38 37.05 26.01
CA GLY B 608 6.50 37.37 27.13
C GLY B 608 5.49 36.30 27.52
N LYS B 609 5.46 35.16 26.81
CA LYS B 609 4.47 34.12 27.09
C LYS B 609 5.18 32.81 27.39
N ASP B 610 4.92 32.21 28.54
CA ASP B 610 5.51 30.93 28.88
C ASP B 610 4.62 29.72 28.53
N ASP B 611 3.48 29.97 27.88
CA ASP B 611 2.50 28.91 27.58
C ASP B 611 2.04 28.93 26.11
N GLN B 612 2.84 29.52 25.23
CA GLN B 612 2.50 29.64 23.82
C GLN B 612 3.74 29.47 22.97
N VAL B 613 3.58 28.82 21.83
CA VAL B 613 4.61 28.85 20.81
C VAL B 613 3.95 29.16 19.49
N LEU B 614 4.74 29.69 18.56
CA LEU B 614 4.30 29.95 17.21
C LEU B 614 4.80 28.80 16.33
N VAL B 615 3.87 28.10 15.71
CA VAL B 615 4.18 26.99 14.82
C VAL B 615 4.35 27.48 13.38
N THR B 616 5.58 27.38 12.89
CA THR B 616 5.90 27.70 11.52
C THR B 616 5.94 26.39 10.71
N SER B 617 5.80 26.49 9.40
CA SER B 617 5.95 25.30 8.55
C SER B 617 6.12 25.70 7.11
N TYR B 618 6.40 24.72 6.23
CA TYR B 618 6.30 24.98 4.82
C TYR B 618 5.01 24.40 4.34
N MET B 619 4.50 25.01 3.28
CA MET B 619 3.20 24.69 2.73
C MET B 619 3.38 24.25 1.29
N THR B 620 2.58 23.27 0.89
CA THR B 620 2.58 22.69 -0.43
C THR B 620 3.77 21.74 -0.54
N ASN B 621 3.48 20.48 -0.88
CA ASN B 621 4.58 19.54 -1.00
C ASN B 621 5.36 19.79 -2.25
N ARG B 622 6.61 19.37 -2.22
CA ARG B 622 7.58 19.67 -3.25
C ARG B 622 7.30 19.01 -4.59
N ASN B 623 7.95 19.53 -5.63
CA ASN B 623 8.03 18.89 -6.94
C ASN B 623 6.75 18.94 -7.75
N GLY B 624 5.95 19.99 -7.54
CA GLY B 624 4.75 20.18 -8.32
C GLY B 624 3.63 19.18 -8.11
N VAL B 625 3.60 18.52 -6.95
CA VAL B 625 2.54 17.54 -6.67
C VAL B 625 1.17 18.19 -6.49
N ALA B 626 1.12 19.50 -6.19
CA ALA B 626 -0.15 20.22 -6.13
C ALA B 626 -0.49 20.95 -7.44
N GLY B 627 0.31 20.72 -8.47
CA GLY B 627 0.11 21.37 -9.78
C GLY B 627 1.37 22.09 -10.17
N LYS B 628 1.61 22.26 -11.47
CA LYS B 628 2.82 22.88 -11.95
C LYS B 628 2.93 24.34 -11.49
N GLY B 629 4.08 24.71 -10.95
CA GLY B 629 4.28 26.07 -10.45
C GLY B 629 3.64 26.36 -9.09
N MET B 630 2.97 25.38 -8.50
CA MET B 630 2.52 25.48 -7.12
C MET B 630 3.70 25.08 -6.24
N ASP B 631 4.55 26.06 -5.93
CA ASP B 631 5.81 25.78 -5.28
C ASP B 631 5.63 25.61 -3.80
N SER B 632 6.52 24.84 -3.17
CA SER B 632 6.64 24.85 -1.72
C SER B 632 6.93 26.27 -1.28
N THR B 633 6.24 26.69 -0.23
CA THR B 633 6.29 28.09 0.22
C THR B 633 6.18 28.10 1.75
N TRP B 634 6.18 29.29 2.33
CA TRP B 634 6.07 29.43 3.79
C TRP B 634 4.60 29.51 4.18
N ALA B 635 4.17 28.60 5.05
CA ALA B 635 2.80 28.57 5.50
C ALA B 635 2.51 29.79 6.39
N PRO B 636 1.22 30.13 6.53
CA PRO B 636 0.88 30.98 7.66
C PRO B 636 1.27 30.28 8.96
N SER B 637 1.67 31.06 9.94
CA SER B 637 2.04 30.50 11.23
C SER B 637 0.82 30.57 12.15
N PHE B 638 0.76 29.67 13.12
CA PHE B 638 -0.35 29.65 14.06
C PHE B 638 0.14 29.42 15.48
N LEU B 639 -0.62 29.94 16.45
CA LEU B 639 -0.33 29.74 17.87
C LEU B 639 -0.74 28.36 18.37
N LEU B 640 0.07 27.84 19.29
CA LEU B 640 -0.14 26.57 19.92
C LEU B 640 -0.01 26.85 21.41
N GLN B 641 -1.03 26.45 22.16
CA GLN B 641 -1.03 26.66 23.60
C GLN B 641 -0.55 25.41 24.29
N ILE B 642 0.35 25.63 25.26
CA ILE B 642 0.92 24.56 26.04
C ILE B 642 0.34 24.70 27.44
N ASN B 643 -0.30 23.65 27.92
CA ASN B 643 -1.02 23.71 29.20
C ASN B 643 -0.20 23.12 30.33
N PRO B 644 -0.43 23.58 31.57
CA PRO B 644 0.36 23.05 32.71
C PRO B 644 0.23 21.53 32.94
N ASP B 645 -0.88 20.94 32.51
CA ASP B 645 -1.10 19.49 32.66
C ASP B 645 -0.52 18.64 31.52
N ASN B 646 0.44 19.19 30.78
CA ASN B 646 1.09 18.51 29.64
C ASN B 646 0.12 18.11 28.55
N THR B 647 -0.95 18.89 28.38
CA THR B 647 -1.76 18.82 27.18
C THR B 647 -1.45 20.07 26.38
N THR B 648 -1.90 20.08 25.13
CA THR B 648 -1.76 21.25 24.26
C THR B 648 -3.04 21.50 23.50
N THR B 649 -3.23 22.73 23.03
CA THR B 649 -4.28 22.97 22.04
C THR B 649 -3.87 24.00 20.99
N VAL B 650 -4.21 23.69 19.75
CA VAL B 650 -4.04 24.62 18.67
C VAL B 650 -5.01 25.79 18.86
N LEU B 651 -4.53 27.02 18.72
CA LEU B 651 -5.40 28.20 18.84
C LEU B 651 -5.77 28.69 17.45
N ALA B 652 -6.92 29.35 17.33
CA ALA B 652 -7.33 29.98 16.07
C ALA B 652 -6.76 31.40 15.95
N LYS B 653 -5.46 31.49 16.17
CA LYS B 653 -4.71 32.71 15.97
C LYS B 653 -3.72 32.34 14.88
N MET B 654 -3.77 33.09 13.79
CA MET B 654 -3.01 32.77 12.58
C MET B 654 -2.40 34.08 12.04
N THR B 655 -1.19 33.97 11.47
CA THR B 655 -0.47 35.09 10.89
C THR B 655 -0.54 35.10 9.36
N ASN B 656 0.11 36.09 8.75
CA ASN B 656 0.47 35.99 7.34
C ASN B 656 1.43 34.83 7.08
N GLN B 657 1.51 34.36 5.84
CA GLN B 657 2.55 33.42 5.44
C GLN B 657 3.91 33.92 5.87
N GLY B 658 4.70 33.04 6.48
CA GLY B 658 6.11 33.32 6.69
C GLY B 658 6.42 34.26 7.84
N ASP B 659 5.52 34.30 8.82
CA ASP B 659 5.72 35.15 10.00
C ASP B 659 6.37 34.29 11.08
N TRP B 660 7.54 34.73 11.54
CA TRP B 660 8.30 34.02 12.57
C TRP B 660 8.23 34.71 13.94
N ILE B 661 7.55 35.85 14.00
CA ILE B 661 7.52 36.69 15.20
C ILE B 661 6.06 37.01 15.56
N TRP B 662 5.52 36.35 16.59
CA TRP B 662 4.17 36.65 17.01
C TRP B 662 4.12 37.90 17.86
N ASP B 663 3.20 38.79 17.53
CA ASP B 663 2.72 39.83 18.41
C ASP B 663 1.26 40.12 18.01
N ASP B 664 0.60 41.05 18.68
CA ASP B 664 -0.80 41.39 18.37
C ASP B 664 -0.98 41.93 16.95
N SER B 665 -0.06 42.77 16.47
CA SER B 665 -0.01 43.24 15.06
C SER B 665 0.02 42.12 14.01
N SER B 666 0.47 40.92 14.40
CA SER B 666 0.76 39.86 13.43
C SER B 666 -0.46 39.06 13.01
N GLU B 667 -1.54 39.13 13.78
CA GLU B 667 -2.71 38.30 13.50
C GLU B 667 -3.36 38.73 12.19
N ASN B 668 -3.62 37.76 11.30
CA ASN B 668 -4.38 38.02 10.09
C ASN B 668 -5.50 36.98 9.97
N LEU B 669 -6.72 37.37 10.29
CA LEU B 669 -7.85 36.44 10.27
C LEU B 669 -8.35 36.12 8.86
N ASP B 670 -7.92 36.85 7.84
CA ASP B 670 -8.27 36.51 6.46
C ASP B 670 -7.60 35.21 5.97
N MET B 671 -6.53 34.80 6.65
CA MET B 671 -5.81 33.59 6.24
C MET B 671 -6.54 32.32 6.70
N ILE B 672 -7.43 32.43 7.68
CA ILE B 672 -8.05 31.26 8.27
C ILE B 672 -9.10 30.70 7.32
N GLY B 673 -8.97 29.42 7.01
CA GLY B 673 -9.91 28.75 6.11
C GLY B 673 -10.79 27.83 6.92
N ASP B 674 -11.64 27.08 6.23
CA ASP B 674 -12.36 25.96 6.81
C ASP B 674 -12.26 24.79 5.84
N LEU B 675 -12.95 23.70 6.14
CA LEU B 675 -12.81 22.50 5.35
C LEU B 675 -13.06 22.80 3.88
N ASP B 676 -14.00 23.68 3.59
CA ASP B 676 -14.31 24.04 2.21
C ASP B 676 -13.23 24.92 1.56
N SER B 677 -12.94 26.07 2.17
CA SER B 677 -11.97 27.00 1.60
C SER B 677 -10.51 26.48 1.66
N ALA B 678 -10.26 25.41 2.41
CA ALA B 678 -8.91 24.81 2.44
C ALA B 678 -8.46 24.20 1.10
N ALA B 679 -9.41 23.89 0.22
CA ALA B 679 -9.13 23.34 -1.10
C ALA B 679 -9.29 24.42 -2.15
N LEU B 680 -8.40 24.46 -3.15
CA LEU B 680 -8.69 25.22 -4.37
C LEU B 680 -9.73 24.47 -5.20
N PRO B 681 -10.49 25.22 -6.03
CA PRO B 681 -11.39 24.61 -6.99
C PRO B 681 -10.71 23.47 -7.77
N GLY B 682 -11.38 22.33 -7.86
CA GLY B 682 -10.85 21.17 -8.55
C GLY B 682 -10.04 20.22 -7.67
N GLU B 683 -9.51 20.70 -6.54
CA GLU B 683 -8.64 19.83 -5.75
C GLU B 683 -9.36 18.63 -5.18
N ARG B 684 -10.62 18.82 -4.78
CA ARG B 684 -11.40 17.71 -4.20
C ARG B 684 -11.70 16.60 -5.22
N ASP B 685 -11.64 16.92 -6.50
CA ASP B 685 -11.87 15.94 -7.57
C ASP B 685 -10.55 15.34 -8.12
N LYS B 686 -9.42 15.96 -7.79
CA LYS B 686 -8.08 15.47 -8.16
C LYS B 686 -7.91 14.01 -7.74
N PRO B 687 -7.32 13.17 -8.59
CA PRO B 687 -7.03 11.83 -8.08
C PRO B 687 -6.02 11.88 -6.91
N VAL B 688 -6.05 10.86 -6.07
CA VAL B 688 -5.04 10.68 -5.03
C VAL B 688 -3.64 10.52 -5.65
N ASP B 689 -2.64 11.20 -5.09
CA ASP B 689 -1.23 10.95 -5.46
C ASP B 689 -0.69 9.90 -4.49
N TRP B 690 -0.77 8.64 -4.90
CA TRP B 690 -0.45 7.52 -4.02
C TRP B 690 1.04 7.44 -3.68
N ASP B 691 1.93 7.75 -4.63
CA ASP B 691 3.37 7.81 -4.37
C ASP B 691 3.69 8.83 -3.27
N LEU B 692 3.04 9.99 -3.33
CA LEU B 692 3.27 11.03 -2.35
C LEU B 692 3.00 10.53 -0.93
N ILE B 693 1.93 9.75 -0.72
CA ILE B 693 1.53 9.37 0.64
C ILE B 693 1.93 7.96 1.08
N GLY B 694 2.44 7.14 0.15
CA GLY B 694 2.92 5.78 0.45
C GLY B 694 4.41 5.63 0.79
#